data_7NZY
#
_entry.id   7NZY
#
_cell.length_a   48.938
_cell.length_b   82.081
_cell.length_c   89.556
_cell.angle_alpha   87.097
_cell.angle_beta   74.264
_cell.angle_gamma   86.332
#
_symmetry.space_group_name_H-M   'P 1'
#
loop_
_entity.id
_entity.type
_entity.pdbx_description
1 polymer 'Casein kinase I isoform delta'
2 non-polymer 9-chloranyl-2-(furan-2-yl)-[1,2,4]triazolo[1,5-c]quinazolin-5-amine
3 non-polymer 'MALONATE ION'
4 non-polymer 'PHOSPHATE ION'
5 water water
#
_entity_poly.entity_id   1
_entity_poly.type   'polypeptide(L)'
_entity_poly.pdbx_seq_one_letter_code
;MGSSHHHHHHSSGLVPRGSHMELRVGNRYRLGRKIGSGSFGDIYLGTDIAAGEEVAIKLECVKTKHPQLHIESKIYKMMQ
GGVGIPTIRWCGAEGDYNVMVMELLGPSLEDLFNFCSRKFSLKTVLLLADQMISRIEYIHSKNFIHRDVKPDNFLMGLGK
KGNLVYIIDFGLAKKYRDARTHQHIPYRENKNLTGTARYASINTHLGIEQSRRDDLESLGYVLMYFNLGSLPWQGLKAA
(TPO)KRQKYERISEKKMSTPIEVLCKGYPSEFATYLNFCRSLRFDDKPDYSYLRQLFRNLFHRQGFSYDYVFDWNMLK
;
_entity_poly.pdbx_strand_id   A,B,C,D
#
loop_
_chem_comp.id
_chem_comp.type
_chem_comp.name
_chem_comp.formula
MLI non-polymer 'MALONATE ION' 'C3 H2 O4 -2'
PO4 non-polymer 'PHOSPHATE ION' 'O4 P -3'
UX2 non-polymer 9-chloranyl-2-(furan-2-yl)-[1,2,4]triazolo[1,5-c]quinazolin-5-amine 'C13 H8 Cl N5 O'
#
# COMPACT_ATOMS: atom_id res chain seq x y z
N ARG A 24 -39.14 9.37 -33.77
CA ARG A 24 -38.65 10.72 -33.53
C ARG A 24 -37.12 10.75 -33.37
N VAL A 25 -36.56 9.74 -32.71
CA VAL A 25 -35.11 9.60 -32.58
C VAL A 25 -34.77 8.12 -32.63
N GLY A 26 -33.82 7.74 -33.49
CA GLY A 26 -33.41 6.35 -33.56
C GLY A 26 -34.54 5.36 -33.76
N ASN A 27 -35.63 5.78 -34.43
CA ASN A 27 -36.75 4.91 -34.78
C ASN A 27 -37.64 4.52 -33.59
N ARG A 28 -37.06 4.33 -32.41
CA ARG A 28 -37.81 3.84 -31.26
C ARG A 28 -37.81 4.78 -30.07
N TYR A 29 -37.18 5.95 -30.18
CA TYR A 29 -37.11 6.88 -29.05
C TYR A 29 -37.93 8.13 -29.36
N ARG A 30 -38.63 8.59 -28.34
CA ARG A 30 -39.43 9.81 -28.38
C ARG A 30 -38.73 10.84 -27.52
N LEU A 31 -38.37 11.98 -28.12
CA LEU A 31 -37.70 13.04 -27.39
C LEU A 31 -38.72 13.78 -26.53
N GLY A 32 -38.38 13.99 -25.27
CA GLY A 32 -39.19 14.72 -24.32
C GLY A 32 -38.70 16.14 -24.13
N ARG A 33 -38.85 16.64 -22.91
CA ARG A 33 -38.50 18.02 -22.57
C ARG A 33 -37.06 18.10 -22.08
N LYS A 34 -36.43 19.24 -22.33
CA LYS A 34 -35.08 19.49 -21.85
C LYS A 34 -35.08 19.59 -20.32
N ILE A 35 -34.08 18.95 -19.73
CA ILE A 35 -33.91 19.00 -18.28
C ILE A 35 -32.63 19.69 -17.85
N GLY A 36 -31.70 19.98 -18.77
CA GLY A 36 -30.50 20.72 -18.40
C GLY A 36 -29.44 20.57 -19.47
N SER A 37 -28.20 20.84 -19.06
CA SER A 37 -27.05 20.77 -19.93
C SER A 37 -25.90 20.08 -19.19
N GLY A 38 -25.10 19.32 -19.93
CA GLY A 38 -23.83 18.82 -19.44
C GLY A 38 -22.69 19.78 -19.73
N SER A 39 -21.45 19.28 -19.54
CA SER A 39 -20.29 20.11 -19.89
C SER A 39 -20.37 20.55 -21.34
N PHE A 40 -21.03 19.76 -22.19
N PHE A 40 -20.99 19.74 -22.19
CA PHE A 40 -21.33 20.13 -23.57
CA PHE A 40 -21.36 20.14 -23.53
C PHE A 40 -22.60 19.40 -23.99
C PHE A 40 -22.72 19.52 -23.82
N GLY A 41 -23.40 20.06 -24.83
CA GLY A 41 -24.68 19.51 -25.26
C GLY A 41 -25.78 19.66 -24.21
N ASP A 42 -27.01 19.29 -24.59
CA ASP A 42 -28.18 19.41 -23.74
C ASP A 42 -28.79 18.04 -23.48
N ILE A 43 -29.36 17.89 -22.28
CA ILE A 43 -29.95 16.64 -21.82
C ILE A 43 -31.46 16.76 -21.86
N TYR A 44 -32.13 15.76 -22.42
CA TYR A 44 -33.58 15.74 -22.48
C TYR A 44 -34.10 14.48 -21.82
N LEU A 45 -35.30 14.55 -21.29
CA LEU A 45 -36.04 13.34 -20.99
C LEU A 45 -36.55 12.75 -22.30
N GLY A 46 -36.75 11.43 -22.31
CA GLY A 46 -37.27 10.76 -23.49
C GLY A 46 -37.91 9.46 -23.08
N THR A 47 -38.50 8.79 -24.07
CA THR A 47 -39.10 7.48 -23.85
C THR A 47 -38.59 6.51 -24.89
N ASP A 48 -38.11 5.36 -24.42
CA ASP A 48 -37.90 4.20 -25.28
C ASP A 48 -39.27 3.57 -25.51
N ILE A 49 -39.87 3.86 -26.67
CA ILE A 49 -41.23 3.43 -26.98
C ILE A 49 -41.35 1.91 -26.98
N ALA A 50 -40.36 1.23 -27.57
CA ALA A 50 -40.42 -0.21 -27.72
C ALA A 50 -40.28 -0.92 -26.38
N ALA A 51 -39.43 -0.39 -25.48
CA ALA A 51 -39.19 -1.03 -24.20
C ALA A 51 -40.11 -0.52 -23.10
N GLY A 52 -40.85 0.56 -23.32
CA GLY A 52 -41.67 1.14 -22.28
C GLY A 52 -40.83 1.62 -21.10
N GLU A 53 -39.79 2.38 -21.37
CA GLU A 53 -38.90 2.86 -20.33
C GLU A 53 -38.49 4.28 -20.63
N GLU A 54 -38.46 5.10 -19.58
CA GLU A 54 -37.91 6.44 -19.68
C GLU A 54 -36.40 6.36 -19.85
N VAL A 55 -35.86 7.32 -20.61
CA VAL A 55 -34.44 7.41 -20.94
C VAL A 55 -34.01 8.86 -20.84
N ALA A 56 -32.68 9.04 -20.81
CA ALA A 56 -32.03 10.34 -20.95
C ALA A 56 -31.42 10.42 -22.34
N ILE A 57 -31.60 11.55 -23.00
CA ILE A 57 -31.12 11.75 -24.37
C ILE A 57 -30.26 13.00 -24.41
N LYS A 58 -29.01 12.84 -24.84
CA LYS A 58 -28.09 13.95 -24.92
C LYS A 58 -27.97 14.34 -26.38
N LEU A 59 -28.15 15.63 -26.65
CA LEU A 59 -28.08 16.17 -28.00
C LEU A 59 -26.89 17.11 -28.13
N GLU A 60 -26.27 17.09 -29.31
CA GLU A 60 -25.17 17.98 -29.70
C GLU A 60 -25.37 18.40 -31.15
N CYS A 61 -25.33 19.70 -31.40
N CYS A 61 -25.32 19.70 -31.41
CA CYS A 61 -25.43 20.20 -32.77
CA CYS A 61 -25.45 20.21 -32.77
C CYS A 61 -24.36 19.55 -33.63
C CYS A 61 -24.35 19.60 -33.66
N VAL A 62 -24.77 19.00 -34.78
CA VAL A 62 -23.82 18.31 -35.65
C VAL A 62 -22.76 19.28 -36.16
N LYS A 63 -23.13 20.53 -36.43
CA LYS A 63 -22.20 21.49 -37.00
C LYS A 63 -21.38 22.22 -35.95
N THR A 64 -21.40 21.76 -34.70
CA THR A 64 -20.60 22.39 -33.66
C THR A 64 -19.14 22.41 -34.06
N LYS A 65 -18.42 23.45 -33.64
CA LYS A 65 -17.03 23.60 -34.05
C LYS A 65 -16.13 22.54 -33.43
N HIS A 66 -16.51 21.96 -32.30
CA HIS A 66 -15.72 20.96 -31.61
C HIS A 66 -16.63 19.80 -31.23
N PRO A 67 -16.89 18.88 -32.15
CA PRO A 67 -17.79 17.75 -31.84
C PRO A 67 -17.19 16.86 -30.77
N GLN A 68 -18.00 16.50 -29.77
CA GLN A 68 -17.54 15.73 -28.62
C GLN A 68 -18.43 14.54 -28.31
N LEU A 69 -19.67 14.52 -28.78
CA LEU A 69 -20.60 13.53 -28.24
C LEU A 69 -20.19 12.12 -28.61
N HIS A 70 -19.78 11.91 -29.85
CA HIS A 70 -19.34 10.57 -30.23
C HIS A 70 -18.07 10.17 -29.49
N ILE A 71 -17.20 11.13 -29.16
CA ILE A 71 -16.04 10.82 -28.33
C ILE A 71 -16.49 10.37 -26.95
N GLU A 72 -17.45 11.08 -26.36
CA GLU A 72 -17.90 10.74 -25.00
C GLU A 72 -18.56 9.36 -24.98
N SER A 73 -19.33 9.03 -26.02
CA SER A 73 -19.99 7.73 -26.07
C SER A 73 -18.98 6.59 -26.10
N LYS A 74 -17.84 6.78 -26.75
CA LYS A 74 -16.80 5.75 -26.71
C LYS A 74 -16.34 5.49 -25.28
N ILE A 75 -16.25 6.54 -24.46
CA ILE A 75 -15.77 6.35 -23.10
C ILE A 75 -16.83 5.60 -22.29
N TYR A 76 -18.10 5.97 -22.42
CA TYR A 76 -19.17 5.24 -21.74
C TYR A 76 -19.18 3.79 -22.20
N LYS A 77 -19.08 3.57 -23.51
CA LYS A 77 -19.08 2.21 -24.05
C LYS A 77 -17.94 1.38 -23.45
N MET A 78 -16.76 1.98 -23.31
CA MET A 78 -15.62 1.27 -22.75
C MET A 78 -15.82 1.01 -21.27
N MET A 79 -16.55 1.88 -20.57
N MET A 79 -16.72 1.74 -20.61
CA MET A 79 -16.76 1.76 -19.14
CA MET A 79 -17.05 1.48 -19.21
C MET A 79 -17.98 0.92 -18.79
C MET A 79 -18.38 0.71 -19.05
N GLN A 80 -18.76 0.48 -19.79
N GLN A 80 -18.89 0.08 -20.11
CA GLN A 80 -19.98 -0.26 -19.54
CA GLN A 80 -20.09 -0.74 -19.98
C GLN A 80 -19.73 -1.44 -18.63
C GLN A 80 -19.87 -1.81 -18.92
N GLY A 81 -20.77 -1.89 -17.94
CA GLY A 81 -20.67 -2.89 -16.91
C GLY A 81 -20.04 -2.41 -15.62
N GLY A 82 -19.38 -1.25 -15.63
CA GLY A 82 -18.87 -0.69 -14.40
C GLY A 82 -20.00 -0.29 -13.47
N VAL A 83 -19.79 -0.54 -12.18
CA VAL A 83 -20.78 -0.14 -11.19
C VAL A 83 -20.94 1.37 -11.19
N GLY A 84 -22.18 1.83 -11.24
CA GLY A 84 -22.43 3.26 -11.15
C GLY A 84 -22.04 4.02 -12.40
N ILE A 85 -21.88 3.35 -13.52
CA ILE A 85 -21.67 3.99 -14.82
C ILE A 85 -22.98 3.89 -15.60
N PRO A 86 -23.53 5.01 -16.10
CA PRO A 86 -24.79 4.90 -16.85
C PRO A 86 -24.61 4.05 -18.09
N THR A 87 -25.65 3.31 -18.41
CA THR A 87 -25.66 2.44 -19.59
C THR A 87 -26.08 3.23 -20.82
N ILE A 88 -25.35 3.03 -21.92
N ILE A 88 -25.28 3.10 -21.88
CA ILE A 88 -25.63 3.72 -23.17
CA ILE A 88 -25.64 3.64 -23.17
C ILE A 88 -26.47 2.79 -24.05
C ILE A 88 -26.63 2.69 -23.83
N ARG A 89 -27.66 3.26 -24.45
CA ARG A 89 -28.62 2.45 -25.20
C ARG A 89 -28.52 2.66 -26.71
N TRP A 90 -28.14 3.85 -27.16
CA TRP A 90 -28.06 4.14 -28.60
C TRP A 90 -27.26 5.41 -28.83
N CYS A 91 -26.52 5.45 -29.95
N CYS A 91 -26.51 5.41 -29.92
CA CYS A 91 -25.77 6.64 -30.32
CA CYS A 91 -25.81 6.59 -30.37
C CYS A 91 -25.76 6.80 -31.83
C CYS A 91 -26.07 6.72 -31.86
N GLY A 92 -26.19 7.95 -32.33
CA GLY A 92 -26.29 8.16 -33.75
C GLY A 92 -26.47 9.63 -34.07
N ALA A 93 -27.02 9.86 -35.26
CA ALA A 93 -27.30 11.21 -35.72
C ALA A 93 -28.76 11.29 -36.12
N GLU A 94 -29.36 12.46 -35.91
CA GLU A 94 -30.75 12.70 -36.26
C GLU A 94 -30.89 14.17 -36.62
N GLY A 95 -31.34 14.46 -37.82
CA GLY A 95 -31.52 15.83 -38.26
C GLY A 95 -30.28 16.68 -38.02
N ASP A 96 -30.43 17.70 -37.19
CA ASP A 96 -29.35 18.65 -36.91
C ASP A 96 -28.47 18.22 -35.73
N TYR A 97 -28.62 16.99 -35.24
CA TYR A 97 -28.02 16.61 -33.96
C TYR A 97 -27.30 15.26 -34.03
N ASN A 98 -26.22 15.19 -33.27
CA ASN A 98 -25.72 13.92 -32.77
C ASN A 98 -26.46 13.58 -31.47
N VAL A 99 -26.69 12.29 -31.25
CA VAL A 99 -27.62 11.82 -30.24
C VAL A 99 -27.00 10.69 -29.44
N MET A 100 -27.16 10.75 -28.13
CA MET A 100 -26.76 9.67 -27.23
C MET A 100 -27.89 9.40 -26.28
N VAL A 101 -28.44 8.20 -26.32
CA VAL A 101 -29.55 7.81 -25.47
C VAL A 101 -29.02 6.96 -24.35
N MET A 102 -29.38 7.31 -23.12
CA MET A 102 -28.87 6.66 -21.93
C MET A 102 -30.04 6.21 -21.06
N GLU A 103 -29.79 5.19 -20.26
CA GLU A 103 -30.77 4.86 -19.24
C GLU A 103 -30.94 6.07 -18.32
N LEU A 104 -32.14 6.28 -17.85
CA LEU A 104 -32.41 7.45 -17.04
C LEU A 104 -31.93 7.22 -15.62
N LEU A 105 -31.27 8.22 -15.06
CA LEU A 105 -30.85 8.25 -13.67
C LEU A 105 -31.72 9.24 -12.91
N GLY A 106 -31.50 9.26 -11.59
CA GLY A 106 -32.28 10.08 -10.69
C GLY A 106 -31.67 11.45 -10.48
N PRO A 107 -32.03 12.07 -9.35
CA PRO A 107 -31.51 13.43 -9.02
C PRO A 107 -30.02 13.42 -8.77
N SER A 108 -29.39 14.58 -9.02
CA SER A 108 -27.99 14.80 -8.70
C SER A 108 -27.82 15.03 -7.20
N LEU A 109 -26.59 14.86 -6.74
CA LEU A 109 -26.33 15.09 -5.32
C LEU A 109 -26.53 16.55 -4.96
N GLU A 110 -26.30 17.48 -5.90
CA GLU A 110 -26.62 18.87 -5.63
C GLU A 110 -28.12 19.07 -5.48
N ASP A 111 -28.91 18.47 -6.39
CA ASP A 111 -30.37 18.55 -6.27
C ASP A 111 -30.82 18.01 -4.93
N LEU A 112 -30.33 16.83 -4.56
CA LEU A 112 -30.72 16.23 -3.30
C LEU A 112 -30.26 17.04 -2.10
N PHE A 113 -29.06 17.65 -2.20
CA PHE A 113 -28.57 18.50 -1.13
C PHE A 113 -29.53 19.66 -0.89
N ASN A 114 -29.97 20.31 -1.97
CA ASN A 114 -30.95 21.41 -1.84
C ASN A 114 -32.26 20.90 -1.29
N PHE A 115 -32.70 19.73 -1.73
CA PHE A 115 -33.96 19.22 -1.27
C PHE A 115 -33.91 18.92 0.23
N CYS A 116 -32.72 18.62 0.75
CA CYS A 116 -32.46 18.36 2.15
C CYS A 116 -32.04 19.60 2.92
N SER A 117 -32.36 20.80 2.40
CA SER A 117 -32.04 22.07 3.06
C SER A 117 -30.53 22.27 3.23
N ARG A 118 -29.74 21.73 2.30
CA ARG A 118 -28.31 21.96 2.26
C ARG A 118 -27.66 21.50 3.57
N LYS A 119 -28.14 20.38 4.10
CA LYS A 119 -27.54 19.74 5.25
C LYS A 119 -27.74 18.24 5.11
N PHE A 120 -26.63 17.50 5.09
CA PHE A 120 -26.61 16.05 5.13
C PHE A 120 -26.09 15.60 6.48
N SER A 121 -26.72 14.56 7.02
CA SER A 121 -26.21 13.88 8.19
C SER A 121 -24.85 13.29 7.88
N LEU A 122 -24.06 13.11 8.93
CA LEU A 122 -22.74 12.50 8.80
C LEU A 122 -22.85 11.14 8.13
N LYS A 123 -23.86 10.36 8.55
CA LYS A 123 -24.08 9.04 7.96
C LYS A 123 -24.25 9.13 6.45
N THR A 124 -25.05 10.09 5.96
CA THR A 124 -25.23 10.20 4.51
C THR A 124 -23.93 10.59 3.82
N VAL A 125 -23.16 11.53 4.42
CA VAL A 125 -21.87 11.91 3.84
C VAL A 125 -20.94 10.71 3.72
N LEU A 126 -20.93 9.85 4.74
CA LEU A 126 -20.03 8.69 4.74
C LEU A 126 -20.50 7.62 3.78
N LEU A 127 -21.81 7.38 3.71
CA LEU A 127 -22.33 6.48 2.69
C LEU A 127 -21.94 6.97 1.30
N LEU A 128 -22.06 8.28 1.06
CA LEU A 128 -21.70 8.81 -0.26
C LEU A 128 -20.20 8.69 -0.51
N ALA A 129 -19.39 9.03 0.50
CA ALA A 129 -17.94 9.00 0.32
C ALA A 129 -17.46 7.62 -0.12
N ASP A 130 -18.00 6.58 0.49
CA ASP A 130 -17.57 5.23 0.16
C ASP A 130 -17.80 4.93 -1.31
N GLN A 131 -18.97 5.30 -1.83
CA GLN A 131 -19.26 5.01 -3.23
C GLN A 131 -18.50 5.95 -4.16
N MET A 132 -18.42 7.23 -3.81
CA MET A 132 -17.76 8.19 -4.68
C MET A 132 -16.27 7.88 -4.84
N ILE A 133 -15.60 7.42 -3.78
CA ILE A 133 -14.20 7.01 -3.92
C ILE A 133 -14.08 5.82 -4.86
N SER A 134 -14.98 4.85 -4.73
CA SER A 134 -14.96 3.69 -5.63
C SER A 134 -15.25 4.09 -7.08
N ARG A 135 -16.18 5.04 -7.32
CA ARG A 135 -16.46 5.45 -8.70
C ARG A 135 -15.21 6.05 -9.33
N ILE A 136 -14.49 6.90 -8.59
CA ILE A 136 -13.28 7.52 -9.13
C ILE A 136 -12.19 6.49 -9.35
N GLU A 137 -12.01 5.58 -8.40
CA GLU A 137 -11.04 4.50 -8.60
C GLU A 137 -11.34 3.72 -9.87
N TYR A 138 -12.61 3.41 -10.14
CA TYR A 138 -12.94 2.65 -11.33
C TYR A 138 -12.55 3.42 -12.59
N ILE A 139 -12.89 4.70 -12.65
CA ILE A 139 -12.53 5.52 -13.79
C ILE A 139 -11.02 5.50 -14.00
N HIS A 140 -10.26 5.63 -12.92
CA HIS A 140 -8.81 5.59 -13.00
C HIS A 140 -8.30 4.24 -13.46
N SER A 141 -8.99 3.15 -13.05
CA SER A 141 -8.60 1.81 -13.50
C SER A 141 -8.76 1.65 -15.01
N LYS A 142 -9.57 2.49 -15.64
CA LYS A 142 -9.75 2.49 -17.08
C LYS A 142 -8.90 3.56 -17.76
N ASN A 143 -7.89 4.08 -17.07
CA ASN A 143 -6.83 4.94 -17.62
C ASN A 143 -7.31 6.36 -17.89
N PHE A 144 -8.46 6.77 -17.35
CA PHE A 144 -9.00 8.10 -17.52
C PHE A 144 -8.99 8.84 -16.19
N ILE A 145 -8.87 10.16 -16.26
CA ILE A 145 -9.18 11.03 -15.12
C ILE A 145 -10.41 11.82 -15.52
N HIS A 146 -11.27 12.07 -14.53
CA HIS A 146 -12.57 12.66 -14.81
C HIS A 146 -12.47 14.17 -15.04
N ARG A 147 -11.78 14.86 -14.13
CA ARG A 147 -11.43 16.28 -14.17
C ARG A 147 -12.57 17.24 -13.89
N ASP A 148 -13.76 16.77 -13.53
CA ASP A 148 -14.80 17.70 -13.09
C ASP A 148 -15.64 17.05 -12.00
N VAL A 149 -14.97 16.60 -10.95
CA VAL A 149 -15.64 16.00 -9.80
C VAL A 149 -16.41 17.09 -9.05
N LYS A 150 -17.73 16.96 -9.03
CA LYS A 150 -18.59 17.95 -8.38
C LYS A 150 -19.94 17.32 -8.13
N PRO A 151 -20.75 17.89 -7.23
CA PRO A 151 -22.04 17.26 -6.89
C PRO A 151 -22.96 17.09 -8.09
N ASP A 152 -22.93 18.01 -9.05
CA ASP A 152 -23.79 17.91 -10.23
C ASP A 152 -23.49 16.69 -11.08
N ASN A 153 -22.32 16.08 -10.93
CA ASN A 153 -21.93 14.95 -11.77
C ASN A 153 -22.04 13.62 -11.06
N PHE A 154 -22.70 13.58 -9.92
CA PHE A 154 -23.05 12.33 -9.25
C PHE A 154 -24.57 12.30 -9.18
N LEU A 155 -25.16 11.25 -9.70
CA LEU A 155 -26.61 11.11 -9.72
C LEU A 155 -26.97 9.79 -9.05
N MET A 156 -28.04 9.78 -8.26
CA MET A 156 -28.54 8.51 -7.77
C MET A 156 -29.28 7.77 -8.88
N GLY A 157 -29.24 6.45 -8.82
CA GLY A 157 -30.07 5.67 -9.70
C GLY A 157 -31.53 5.79 -9.32
N LEU A 158 -32.37 5.27 -10.21
CA LEU A 158 -33.81 5.20 -10.01
C LEU A 158 -34.22 3.78 -9.67
N GLY A 159 -35.31 3.66 -8.93
CA GLY A 159 -35.91 2.36 -8.74
C GLY A 159 -34.98 1.41 -8.00
N LYS A 160 -34.79 0.21 -8.57
CA LYS A 160 -33.99 -0.81 -7.91
C LYS A 160 -32.55 -0.37 -7.75
N LYS A 161 -32.12 0.64 -8.50
CA LYS A 161 -30.76 1.16 -8.40
C LYS A 161 -30.70 2.45 -7.59
N GLY A 162 -31.74 2.76 -6.84
CA GLY A 162 -31.80 4.00 -6.10
C GLY A 162 -30.80 4.12 -4.96
N ASN A 163 -30.13 3.05 -4.58
N ASN A 163 -30.13 3.04 -4.58
CA ASN A 163 -29.09 3.15 -3.57
CA ASN A 163 -29.08 3.10 -3.57
C ASN A 163 -27.70 3.38 -4.16
C ASN A 163 -27.69 3.32 -4.17
N LEU A 164 -27.58 3.37 -5.49
CA LEU A 164 -26.28 3.44 -6.17
C LEU A 164 -26.01 4.87 -6.62
N VAL A 165 -24.84 5.38 -6.29
CA VAL A 165 -24.36 6.66 -6.77
C VAL A 165 -23.72 6.43 -8.13
N TYR A 166 -24.19 7.16 -9.15
CA TYR A 166 -23.57 7.11 -10.47
C TYR A 166 -22.72 8.34 -10.69
N ILE A 167 -21.71 8.22 -11.53
CA ILE A 167 -20.92 9.36 -11.98
C ILE A 167 -21.21 9.57 -13.45
N ILE A 168 -21.31 10.84 -13.86
CA ILE A 168 -21.69 11.17 -15.22
C ILE A 168 -20.77 12.23 -15.79
N ASP A 169 -20.88 12.40 -17.11
CA ASP A 169 -20.29 13.47 -17.89
C ASP A 169 -18.79 13.32 -18.02
N PHE A 170 -18.36 12.74 -19.13
CA PHE A 170 -16.95 12.58 -19.43
C PHE A 170 -16.48 13.54 -20.51
N GLY A 171 -17.19 14.67 -20.64
CA GLY A 171 -16.80 15.68 -21.61
C GLY A 171 -15.47 16.34 -21.33
N LEU A 172 -15.03 16.37 -20.07
CA LEU A 172 -13.72 16.94 -19.75
C LEU A 172 -12.70 15.89 -19.41
N ALA A 173 -13.08 14.62 -19.46
CA ALA A 173 -12.18 13.53 -19.12
C ALA A 173 -11.04 13.44 -20.12
N LYS A 174 -9.95 12.83 -19.64
CA LYS A 174 -8.68 12.78 -20.34
C LYS A 174 -8.03 11.47 -19.98
N LYS A 175 -7.40 10.83 -20.94
CA LYS A 175 -6.61 9.64 -20.66
C LYS A 175 -5.30 10.07 -19.98
N TYR A 176 -4.93 9.43 -18.88
CA TYR A 176 -3.72 9.80 -18.18
C TYR A 176 -2.59 8.80 -18.38
N ARG A 177 -2.83 7.70 -19.09
CA ARG A 177 -1.78 6.73 -19.43
C ARG A 177 -2.23 5.85 -20.59
N GLN A 183 2.44 3.80 -18.71
CA GLN A 183 3.05 5.04 -19.21
C GLN A 183 2.19 6.26 -18.84
N HIS A 184 2.59 6.97 -17.77
CA HIS A 184 1.87 8.13 -17.30
C HIS A 184 2.16 9.35 -18.18
N ILE A 185 1.16 10.21 -18.33
CA ILE A 185 1.35 11.46 -19.08
C ILE A 185 2.44 12.27 -18.37
N PRO A 186 3.18 13.10 -19.09
CA PRO A 186 4.28 13.83 -18.44
C PRO A 186 3.78 14.96 -17.55
N TYR A 187 4.65 15.37 -16.62
CA TYR A 187 4.39 16.55 -15.83
C TYR A 187 4.32 17.78 -16.73
N ARG A 188 3.24 18.55 -16.59
CA ARG A 188 3.06 19.73 -17.42
C ARG A 188 2.32 20.80 -16.63
N GLU A 189 2.41 22.02 -17.13
CA GLU A 189 1.66 23.14 -16.60
C GLU A 189 0.67 23.58 -17.68
N ASN A 190 -0.33 22.71 -17.90
CA ASN A 190 -1.45 23.00 -18.80
C ASN A 190 -2.34 24.04 -18.13
N LYS A 191 -1.96 25.30 -18.30
CA LYS A 191 -2.66 26.42 -17.67
C LYS A 191 -4.14 26.39 -18.02
N ASN A 192 -4.93 27.26 -17.36
CA ASN A 192 -6.35 27.43 -17.63
C ASN A 192 -7.15 26.27 -17.04
N LEU A 193 -8.21 26.60 -16.31
CA LEU A 193 -9.03 25.61 -15.64
C LEU A 193 -10.15 25.14 -16.56
N THR A 194 -10.32 23.81 -16.65
CA THR A 194 -11.40 23.23 -17.44
C THR A 194 -12.63 22.91 -16.60
N GLY A 195 -12.43 22.41 -15.39
CA GLY A 195 -13.53 22.07 -14.49
C GLY A 195 -14.07 23.27 -13.75
N THR A 196 -14.66 23.00 -12.58
CA THR A 196 -15.27 24.04 -11.76
C THR A 196 -14.26 24.54 -10.73
N ALA A 197 -14.24 25.86 -10.54
CA ALA A 197 -13.27 26.44 -9.63
C ALA A 197 -13.55 26.05 -8.18
N ARG A 198 -14.83 25.94 -7.81
CA ARG A 198 -15.16 25.71 -6.41
C ARG A 198 -14.50 24.45 -5.87
N TYR A 199 -14.42 23.39 -6.67
CA TYR A 199 -13.89 22.11 -6.20
C TYR A 199 -12.52 21.78 -6.79
N ALA A 200 -11.91 22.69 -7.56
CA ALA A 200 -10.61 22.41 -8.16
C ALA A 200 -9.54 22.23 -7.09
N SER A 201 -8.58 21.33 -7.38
CA SER A 201 -7.44 21.15 -6.50
C SER A 201 -6.54 22.38 -6.52
N ILE A 202 -5.77 22.53 -5.43
CA ILE A 202 -4.78 23.61 -5.36
C ILE A 202 -3.81 23.53 -6.53
N ASN A 203 -3.36 22.32 -6.88
CA ASN A 203 -2.45 22.19 -8.01
C ASN A 203 -3.08 22.64 -9.32
N THR A 204 -4.37 22.44 -9.47
CA THR A 204 -5.05 22.96 -10.66
C THR A 204 -4.99 24.47 -10.68
N HIS A 205 -5.20 25.10 -9.52
CA HIS A 205 -5.10 26.56 -9.44
C HIS A 205 -3.70 27.03 -9.79
N LEU A 206 -2.69 26.23 -9.50
CA LEU A 206 -1.32 26.59 -9.85
C LEU A 206 -1.01 26.37 -11.33
N GLY A 207 -1.96 25.83 -12.10
CA GLY A 207 -1.76 25.59 -13.51
C GLY A 207 -1.16 24.25 -13.85
N ILE A 208 -1.08 23.33 -12.87
CA ILE A 208 -0.49 22.02 -13.12
C ILE A 208 -1.52 21.10 -13.77
N GLU A 209 -1.04 20.27 -14.70
CA GLU A 209 -1.87 19.26 -15.35
C GLU A 209 -2.54 18.37 -14.31
N GLN A 210 -3.84 18.12 -14.49
CA GLN A 210 -4.56 17.27 -13.55
C GLN A 210 -4.14 15.81 -13.70
N SER A 211 -4.10 15.09 -12.58
CA SER A 211 -3.80 13.67 -12.58
C SER A 211 -4.75 13.01 -11.60
N ARG A 212 -4.49 11.74 -11.25
CA ARG A 212 -5.44 11.01 -10.39
C ARG A 212 -5.67 11.70 -9.06
N ARG A 213 -4.61 12.23 -8.45
CA ARG A 213 -4.76 12.88 -7.15
C ARG A 213 -5.80 14.00 -7.17
N ASP A 214 -5.92 14.68 -8.30
CA ASP A 214 -6.74 15.88 -8.37
C ASP A 214 -8.22 15.54 -8.36
N ASP A 215 -8.62 14.40 -8.94
CA ASP A 215 -10.00 13.92 -8.79
C ASP A 215 -10.32 13.67 -7.31
N LEU A 216 -9.35 13.11 -6.56
CA LEU A 216 -9.62 12.78 -5.16
C LEU A 216 -9.60 14.01 -4.24
N GLU A 217 -8.71 14.97 -4.50
CA GLU A 217 -8.76 16.20 -3.71
C GLU A 217 -10.08 16.92 -3.94
N SER A 218 -10.53 16.99 -5.20
CA SER A 218 -11.83 17.60 -5.48
C SER A 218 -12.95 16.91 -4.69
N LEU A 219 -12.93 15.58 -4.66
CA LEU A 219 -13.94 14.87 -3.88
C LEU A 219 -13.88 15.31 -2.43
N GLY A 220 -12.66 15.52 -1.91
CA GLY A 220 -12.51 15.98 -0.54
C GLY A 220 -13.19 17.30 -0.25
N TYR A 221 -13.14 18.24 -1.21
CA TYR A 221 -13.85 19.50 -1.04
C TYR A 221 -15.37 19.29 -1.14
N VAL A 222 -15.81 18.39 -2.02
CA VAL A 222 -17.24 18.09 -2.14
C VAL A 222 -17.78 17.56 -0.82
N LEU A 223 -17.03 16.66 -0.17
CA LEU A 223 -17.48 16.13 1.12
C LEU A 223 -17.53 17.23 2.18
N MET A 224 -16.55 18.13 2.23
CA MET A 224 -16.65 19.19 3.23
C MET A 224 -17.77 20.17 2.86
N TYR A 225 -17.95 20.38 1.56
CA TYR A 225 -19.10 21.15 1.11
C TYR A 225 -20.40 20.57 1.65
N PHE A 226 -20.56 19.23 1.57
CA PHE A 226 -21.77 18.58 2.10
C PHE A 226 -21.88 18.76 3.61
N ASN A 227 -20.75 18.69 4.31
CA ASN A 227 -20.73 18.89 5.77
C ASN A 227 -21.09 20.32 6.15
N LEU A 228 -20.59 21.30 5.39
CA LEU A 228 -20.69 22.71 5.79
C LEU A 228 -21.90 23.43 5.21
N GLY A 229 -22.40 22.99 4.06
CA GLY A 229 -23.38 23.74 3.31
C GLY A 229 -22.78 24.71 2.31
N SER A 230 -21.49 25.00 2.44
CA SER A 230 -20.78 25.87 1.51
C SER A 230 -19.31 25.83 1.86
N LEU A 231 -18.49 26.31 0.93
CA LEU A 231 -17.07 26.36 1.17
C LEU A 231 -16.60 27.80 1.37
N PRO A 232 -15.52 28.02 2.13
CA PRO A 232 -15.14 29.38 2.50
C PRO A 232 -14.73 30.25 1.33
N TRP A 233 -14.47 29.67 0.16
CA TRP A 233 -14.10 30.42 -1.02
C TRP A 233 -15.26 30.65 -1.97
N GLN A 234 -16.49 30.37 -1.52
CA GLN A 234 -17.71 30.76 -2.21
C GLN A 234 -18.10 32.18 -1.85
N GLY A 235 -18.69 32.88 -2.81
CA GLY A 235 -19.20 34.23 -2.57
C GLY A 235 -18.14 35.26 -2.25
N LEU A 236 -17.02 35.25 -2.96
CA LEU A 236 -15.97 36.23 -2.76
C LEU A 236 -16.17 37.39 -3.72
N LYS A 237 -16.13 38.61 -3.19
CA LYS A 237 -16.33 39.79 -4.03
C LYS A 237 -15.23 39.90 -5.07
N ALA A 238 -15.63 39.93 -6.35
CA ALA A 238 -14.69 40.13 -7.44
C ALA A 238 -15.43 40.81 -8.59
N ALA A 239 -14.71 41.66 -9.31
CA ALA A 239 -15.31 42.46 -10.38
C ALA A 239 -15.41 41.68 -11.68
N TPO A 240 -14.28 41.16 -12.16
CA TPO A 240 -14.23 40.49 -13.45
CB TPO A 240 -13.14 41.10 -14.31
CG2 TPO A 240 -13.47 42.57 -14.56
OG1 TPO A 240 -11.90 41.00 -13.63
P TPO A 240 -10.79 40.65 -14.74
O1P TPO A 240 -9.33 40.63 -14.06
O2P TPO A 240 -10.81 41.66 -15.82
O3P TPO A 240 -11.10 39.19 -15.36
C TPO A 240 -13.99 38.99 -13.28
O TPO A 240 -13.77 38.51 -12.17
N LYS A 241 -14.03 38.27 -14.40
CA LYS A 241 -13.92 36.80 -14.36
C LYS A 241 -12.55 36.35 -13.85
N ARG A 242 -11.47 36.91 -14.40
CA ARG A 242 -10.14 36.51 -13.98
C ARG A 242 -9.89 36.82 -12.51
N GLN A 243 -10.40 37.97 -12.04
CA GLN A 243 -10.26 38.34 -10.64
C GLN A 243 -10.99 37.35 -9.75
N LYS A 244 -12.20 36.95 -10.14
CA LYS A 244 -12.94 35.94 -9.38
C LYS A 244 -12.11 34.70 -9.14
N TYR A 245 -11.40 34.23 -10.17
CA TYR A 245 -10.57 33.04 -10.05
C TYR A 245 -9.42 33.28 -9.08
N GLU A 246 -8.77 34.44 -9.17
CA GLU A 246 -7.67 34.76 -8.27
C GLU A 246 -8.13 34.67 -6.82
N ARG A 247 -9.26 35.28 -6.51
CA ARG A 247 -9.77 35.28 -5.14
C ARG A 247 -9.99 33.86 -4.63
N ILE A 248 -10.57 32.99 -5.46
CA ILE A 248 -10.81 31.62 -5.04
C ILE A 248 -9.50 30.91 -4.77
N SER A 249 -8.56 31.01 -5.70
CA SER A 249 -7.27 30.36 -5.49
C SER A 249 -6.62 30.85 -4.21
N GLU A 250 -6.61 32.17 -4.01
CA GLU A 250 -5.94 32.73 -2.85
C GLU A 250 -6.59 32.25 -1.56
N LYS A 251 -7.93 32.27 -1.51
CA LYS A 251 -8.62 31.84 -0.31
C LYS A 251 -8.35 30.36 -0.05
N LYS A 252 -8.37 29.55 -1.10
CA LYS A 252 -8.18 28.11 -0.92
C LYS A 252 -6.78 27.82 -0.42
N MET A 253 -5.79 28.52 -0.94
CA MET A 253 -4.40 28.28 -0.53
C MET A 253 -4.08 28.90 0.81
N SER A 254 -4.90 29.82 1.32
CA SER A 254 -4.69 30.42 2.62
C SER A 254 -5.63 29.89 3.69
N THR A 255 -6.46 28.89 3.38
CA THR A 255 -7.34 28.26 4.36
C THR A 255 -6.74 26.92 4.77
N PRO A 256 -6.12 26.81 5.95
CA PRO A 256 -5.60 25.51 6.37
C PRO A 256 -6.70 24.47 6.42
N ILE A 257 -6.32 23.24 6.07
CA ILE A 257 -7.28 22.14 6.07
C ILE A 257 -7.90 21.98 7.46
N GLU A 258 -7.09 22.19 8.52
CA GLU A 258 -7.60 22.03 9.87
C GLU A 258 -8.60 23.11 10.20
N VAL A 259 -8.50 24.25 9.53
CA VAL A 259 -9.50 25.30 9.70
C VAL A 259 -10.75 24.97 8.89
N LEU A 260 -10.56 24.55 7.64
CA LEU A 260 -11.67 24.16 6.78
C LEU A 260 -12.55 23.10 7.44
N CYS A 261 -11.94 22.10 8.08
CA CYS A 261 -12.63 20.95 8.62
C CYS A 261 -12.92 21.07 10.11
N LYS A 262 -12.66 22.23 10.71
CA LYS A 262 -12.84 22.39 12.13
C LYS A 262 -14.29 22.07 12.52
N GLY A 263 -14.45 21.28 13.57
CA GLY A 263 -15.76 20.88 14.02
C GLY A 263 -16.29 19.60 13.39
N TYR A 264 -15.53 18.98 12.49
CA TYR A 264 -15.96 17.77 11.84
C TYR A 264 -14.94 16.67 12.08
N PRO A 265 -15.33 15.42 11.91
CA PRO A 265 -14.42 14.32 12.25
C PRO A 265 -13.08 14.45 11.54
N SER A 266 -12.02 14.09 12.25
CA SER A 266 -10.67 14.29 11.75
C SER A 266 -10.45 13.59 10.41
N GLU A 267 -11.25 12.57 10.08
CA GLU A 267 -11.03 11.81 8.86
C GLU A 267 -11.08 12.69 7.61
N PHE A 268 -11.91 13.73 7.62
CA PHE A 268 -12.02 14.58 6.45
C PHE A 268 -10.74 15.37 6.21
N ALA A 269 -10.10 15.83 7.28
CA ALA A 269 -8.84 16.54 7.13
C ALA A 269 -7.73 15.58 6.76
N THR A 270 -7.70 14.41 7.39
CA THR A 270 -6.72 13.38 7.03
C THR A 270 -6.82 13.04 5.55
N TYR A 271 -8.04 12.91 5.02
CA TYR A 271 -8.26 12.63 3.61
C TYR A 271 -7.68 13.73 2.73
N LEU A 272 -8.00 14.99 3.03
CA LEU A 272 -7.51 16.09 2.20
C LEU A 272 -5.98 16.22 2.26
N ASN A 273 -5.39 16.03 3.44
CA ASN A 273 -3.94 16.07 3.57
C ASN A 273 -3.28 14.94 2.78
N PHE A 274 -3.89 13.76 2.79
CA PHE A 274 -3.35 12.65 2.02
C PHE A 274 -3.35 12.99 0.52
N CYS A 275 -4.46 13.53 0.02
CA CYS A 275 -4.52 13.87 -1.40
C CYS A 275 -3.53 14.99 -1.74
N ARG A 276 -3.41 16.00 -0.88
N ARG A 276 -3.41 16.00 -0.89
CA ARG A 276 -2.50 17.11 -1.16
CA ARG A 276 -2.50 17.09 -1.15
C ARG A 276 -1.03 16.71 -1.01
C ARG A 276 -1.05 16.63 -1.15
N SER A 277 -0.74 15.53 -0.47
CA SER A 277 0.62 15.01 -0.41
C SER A 277 0.97 14.12 -1.59
N LEU A 278 -0.01 13.68 -2.37
CA LEU A 278 0.27 12.76 -3.46
C LEU A 278 1.12 13.40 -4.53
N ARG A 279 2.06 12.62 -5.05
CA ARG A 279 2.88 13.07 -6.16
C ARG A 279 2.10 12.97 -7.47
N PHE A 280 2.60 13.67 -8.48
CA PHE A 280 1.87 13.80 -9.75
C PHE A 280 1.43 12.43 -10.29
N ASP A 281 2.34 11.46 -10.33
CA ASP A 281 2.06 10.17 -10.96
C ASP A 281 1.81 9.05 -9.96
N ASP A 282 1.65 9.37 -8.67
CA ASP A 282 1.32 8.35 -7.68
C ASP A 282 -0.03 7.73 -7.97
N LYS A 283 -0.10 6.41 -7.82
CA LYS A 283 -1.39 5.74 -7.73
C LYS A 283 -1.94 5.93 -6.31
N PRO A 284 -3.10 6.59 -6.14
CA PRO A 284 -3.64 6.81 -4.78
C PRO A 284 -3.95 5.49 -4.10
N ASP A 285 -3.85 5.48 -2.77
CA ASP A 285 -4.29 4.34 -1.96
C ASP A 285 -5.79 4.47 -1.71
N TYR A 286 -6.59 4.06 -2.70
CA TYR A 286 -8.04 4.19 -2.56
C TYR A 286 -8.57 3.43 -1.36
N SER A 287 -8.09 2.20 -1.15
CA SER A 287 -8.57 1.37 -0.06
C SER A 287 -8.31 2.05 1.28
N TYR A 288 -7.12 2.61 1.46
CA TYR A 288 -6.86 3.35 2.68
C TYR A 288 -7.89 4.44 2.88
N LEU A 289 -8.19 5.21 1.82
CA LEU A 289 -9.10 6.33 1.96
C LEU A 289 -10.52 5.85 2.29
N ARG A 290 -10.98 4.78 1.64
CA ARG A 290 -12.28 4.22 1.98
C ARG A 290 -12.29 3.68 3.40
N GLN A 291 -11.19 3.02 3.82
CA GLN A 291 -11.15 2.47 5.18
C GLN A 291 -11.17 3.56 6.24
N LEU A 292 -10.59 4.72 5.93
CA LEU A 292 -10.67 5.86 6.82
C LEU A 292 -12.13 6.18 7.18
N PHE A 293 -12.96 6.36 6.17
CA PHE A 293 -14.36 6.70 6.43
C PHE A 293 -15.13 5.50 6.98
N ARG A 294 -14.77 4.29 6.56
CA ARG A 294 -15.38 3.07 7.07
C ARG A 294 -15.17 2.91 8.57
N ASN A 295 -13.94 3.17 9.05
CA ASN A 295 -13.66 3.05 10.47
C ASN A 295 -14.46 4.07 11.24
N LEU A 296 -14.59 5.29 10.71
CA LEU A 296 -15.43 6.28 11.37
C LEU A 296 -16.90 5.82 11.38
N PHE A 297 -17.38 5.35 10.23
CA PHE A 297 -18.75 4.81 10.13
C PHE A 297 -19.01 3.78 11.22
N HIS A 298 -18.06 2.88 11.43
CA HIS A 298 -18.18 1.85 12.44
C HIS A 298 -18.12 2.43 13.84
N ARG A 299 -17.20 3.35 14.09
N ARG A 299 -17.21 3.36 14.10
CA ARG A 299 -17.12 3.99 15.41
CA ARG A 299 -17.14 3.94 15.44
C ARG A 299 -18.46 4.62 15.78
C ARG A 299 -18.40 4.73 15.80
N GLN A 300 -19.12 5.24 14.81
CA GLN A 300 -20.39 5.93 15.08
C GLN A 300 -21.53 4.96 15.32
N GLY A 301 -21.36 3.68 15.02
CA GLY A 301 -22.44 2.73 15.19
C GLY A 301 -23.51 2.80 14.11
N PHE A 302 -23.21 3.41 12.96
CA PHE A 302 -24.18 3.47 11.87
C PHE A 302 -24.37 2.13 11.19
N SER A 303 -25.55 1.94 10.62
N SER A 303 -25.54 1.95 10.59
CA SER A 303 -25.87 0.76 9.81
CA SER A 303 -25.85 0.74 9.83
C SER A 303 -25.62 1.08 8.35
C SER A 303 -25.74 1.02 8.33
N TYR A 304 -25.09 0.10 7.62
CA TYR A 304 -24.85 0.25 6.18
C TYR A 304 -26.07 -0.28 5.42
N ASP A 305 -27.12 0.54 5.42
CA ASP A 305 -28.42 0.18 4.85
C ASP A 305 -28.86 1.11 3.72
N TYR A 306 -28.00 2.01 3.27
CA TYR A 306 -28.30 2.92 2.16
C TYR A 306 -29.51 3.81 2.45
N VAL A 307 -29.81 4.07 3.72
CA VAL A 307 -30.90 4.97 4.07
C VAL A 307 -30.28 6.36 4.18
N PHE A 308 -30.36 7.11 3.07
CA PHE A 308 -29.83 8.46 2.99
C PHE A 308 -30.87 9.45 3.52
N ASP A 309 -30.41 10.66 3.84
CA ASP A 309 -31.31 11.68 4.37
C ASP A 309 -32.57 11.84 3.51
N TRP A 310 -32.42 11.90 2.18
CA TRP A 310 -33.60 12.13 1.35
C TRP A 310 -34.59 10.98 1.38
N ASN A 311 -34.14 9.76 1.68
CA ASN A 311 -35.09 8.64 1.79
C ASN A 311 -36.07 8.82 2.95
N MET A 312 -35.77 9.71 3.89
CA MET A 312 -36.60 9.89 5.07
C MET A 312 -37.60 11.01 4.92
N LEU A 313 -37.60 11.72 3.81
CA LEU A 313 -38.60 12.75 3.58
C LEU A 313 -39.98 12.09 3.50
N LYS A 314 -40.95 12.64 4.23
CA LYS A 314 -42.26 12.02 4.32
C LYS A 314 -43.23 12.60 3.31
N GLU B 22 45.28 -11.92 -25.30
CA GLU B 22 45.39 -10.47 -25.36
C GLU B 22 46.13 -9.91 -24.15
N LEU B 23 46.35 -8.59 -24.16
CA LEU B 23 47.02 -7.93 -23.04
C LEU B 23 46.44 -6.53 -22.81
N ARG B 24 46.56 -5.63 -23.79
CA ARG B 24 46.06 -4.27 -23.66
C ARG B 24 44.63 -4.17 -24.18
N VAL B 25 43.86 -3.26 -23.55
CA VAL B 25 42.47 -3.03 -23.89
C VAL B 25 42.14 -1.54 -23.72
N GLY B 26 41.50 -0.96 -24.72
CA GLY B 26 41.12 0.45 -24.63
C GLY B 26 42.26 1.38 -24.28
N ASN B 27 43.46 1.08 -24.77
CA ASN B 27 44.61 1.95 -24.60
C ASN B 27 45.15 2.01 -23.16
N ARG B 28 44.28 1.94 -22.16
CA ARG B 28 44.69 2.13 -20.77
C ARG B 28 44.41 0.95 -19.86
N TYR B 29 43.85 -0.14 -20.37
CA TYR B 29 43.50 -1.28 -19.52
C TYR B 29 44.37 -2.47 -19.87
N ARG B 30 44.76 -3.21 -18.83
CA ARG B 30 45.59 -4.39 -18.97
C ARG B 30 44.76 -5.60 -18.59
N LEU B 31 44.62 -6.57 -19.50
CA LEU B 31 43.85 -7.77 -19.19
C LEU B 31 44.64 -8.70 -18.28
N GLY B 32 44.00 -9.16 -17.22
CA GLY B 32 44.56 -10.13 -16.28
C GLY B 32 44.04 -11.53 -16.54
N ARG B 33 43.91 -12.30 -15.46
CA ARG B 33 43.49 -13.70 -15.52
C ARG B 33 41.97 -13.82 -15.42
N LYS B 34 41.43 -14.85 -16.08
CA LYS B 34 40.01 -15.15 -15.99
C LYS B 34 39.62 -15.58 -14.59
N ILE B 35 38.51 -15.05 -14.10
CA ILE B 35 37.99 -15.44 -12.79
C ILE B 35 36.66 -16.19 -12.86
N GLY B 36 36.00 -16.21 -14.01
CA GLY B 36 34.77 -16.98 -14.16
C GLY B 36 33.98 -16.54 -15.38
N SER B 37 32.70 -16.90 -15.40
CA SER B 37 31.82 -16.58 -16.50
C SER B 37 30.49 -16.06 -15.98
N GLY B 38 29.88 -15.14 -16.74
CA GLY B 38 28.52 -14.70 -16.49
C GLY B 38 27.52 -15.53 -17.27
N SER B 39 26.27 -15.06 -17.27
CA SER B 39 25.24 -15.75 -18.06
C SER B 39 25.67 -15.85 -19.51
N PHE B 40 26.46 -14.88 -19.98
CA PHE B 40 27.15 -14.97 -21.25
C PHE B 40 28.50 -14.30 -21.03
N GLY B 41 29.47 -14.65 -21.88
CA GLY B 41 30.79 -14.05 -21.81
C GLY B 41 31.65 -14.49 -20.63
N ASP B 42 32.91 -14.07 -20.62
CA ASP B 42 33.84 -14.42 -19.56
C ASP B 42 34.30 -13.16 -18.84
N ILE B 43 34.60 -13.33 -17.55
CA ILE B 43 35.01 -12.25 -16.68
C ILE B 43 36.49 -12.41 -16.36
N TYR B 44 37.24 -11.33 -16.50
CA TYR B 44 38.66 -11.30 -16.20
C TYR B 44 38.95 -10.22 -15.18
N LEU B 45 39.97 -10.46 -14.39
CA LEU B 45 40.58 -9.38 -13.64
C LEU B 45 41.39 -8.50 -14.60
N GLY B 46 41.54 -7.23 -14.25
CA GLY B 46 42.34 -6.33 -15.07
C GLY B 46 42.84 -5.18 -14.23
N THR B 47 43.64 -4.32 -14.87
CA THR B 47 44.15 -3.11 -14.25
C THR B 47 43.86 -1.92 -15.16
N ASP B 48 43.27 -0.89 -14.58
CA ASP B 48 43.24 0.43 -15.19
C ASP B 48 44.61 1.05 -14.93
N ILE B 49 45.50 1.01 -15.93
CA ILE B 49 46.88 1.45 -15.77
C ILE B 49 46.94 2.94 -15.43
N ALA B 50 46.11 3.74 -16.08
CA ALA B 50 46.17 5.19 -15.89
C ALA B 50 45.65 5.59 -14.52
N ALA B 51 44.65 4.90 -14.00
CA ALA B 51 44.08 5.26 -12.71
C ALA B 51 44.70 4.48 -11.56
N GLY B 52 45.51 3.46 -11.86
CA GLY B 52 46.06 2.65 -10.80
C GLY B 52 44.98 1.97 -9.98
N GLU B 53 44.08 1.26 -10.66
CA GLU B 53 42.95 0.60 -10.01
C GLU B 53 42.66 -0.73 -10.69
N GLU B 54 42.40 -1.74 -9.88
CA GLU B 54 41.92 -3.02 -10.43
C GLU B 54 40.49 -2.86 -10.94
N VAL B 55 40.19 -3.59 -12.02
CA VAL B 55 38.87 -3.57 -12.68
C VAL B 55 38.48 -4.99 -13.03
N ALA B 56 37.20 -5.17 -13.33
CA ALA B 56 36.68 -6.37 -13.93
C ALA B 56 36.40 -6.13 -15.40
N ILE B 57 36.80 -7.08 -16.24
CA ILE B 57 36.69 -6.96 -17.68
C ILE B 57 35.90 -8.15 -18.19
N LYS B 58 34.78 -7.87 -18.86
CA LYS B 58 33.94 -8.91 -19.41
C LYS B 58 34.18 -8.97 -20.92
N LEU B 59 34.42 -10.18 -21.43
CA LEU B 59 34.72 -10.40 -22.84
C LEU B 59 33.64 -11.26 -23.48
N GLU B 60 33.34 -10.95 -24.76
CA GLU B 60 32.41 -11.71 -25.60
C GLU B 60 33.01 -11.78 -27.00
N CYS B 61 33.07 -12.98 -27.57
N CYS B 61 33.05 -12.97 -27.58
CA CYS B 61 33.50 -13.12 -28.95
CA CYS B 61 33.55 -13.11 -28.94
C CYS B 61 32.65 -12.25 -29.87
C CYS B 61 32.67 -12.33 -29.91
N VAL B 62 33.31 -11.49 -30.75
CA VAL B 62 32.59 -10.61 -31.66
C VAL B 62 31.68 -11.40 -32.61
N LYS B 63 32.12 -12.58 -33.02
CA LYS B 63 31.38 -13.38 -33.98
C LYS B 63 30.38 -14.32 -33.33
N THR B 64 30.09 -14.14 -32.04
CA THR B 64 29.05 -14.93 -31.41
C THR B 64 27.76 -14.82 -32.21
N LYS B 65 26.97 -15.90 -32.23
CA LYS B 65 25.73 -15.88 -32.98
C LYS B 65 24.68 -14.95 -32.36
N HIS B 66 24.79 -14.66 -31.08
CA HIS B 66 23.82 -13.83 -30.35
C HIS B 66 24.57 -12.80 -29.51
N PRO B 67 25.07 -11.73 -30.12
CA PRO B 67 25.80 -10.72 -29.34
C PRO B 67 24.90 -10.05 -28.30
N GLN B 68 25.42 -9.94 -27.08
CA GLN B 68 24.68 -9.40 -25.93
C GLN B 68 25.45 -8.35 -25.15
N LEU B 69 26.77 -8.30 -25.26
CA LEU B 69 27.52 -7.49 -24.30
C LEU B 69 27.19 -6.02 -24.43
N HIS B 70 27.12 -5.51 -25.66
CA HIS B 70 26.75 -4.11 -25.84
C HIS B 70 25.30 -3.86 -25.41
N ILE B 71 24.44 -4.86 -25.53
CA ILE B 71 23.08 -4.70 -25.00
C ILE B 71 23.13 -4.55 -23.50
N GLU B 72 23.91 -5.42 -22.83
CA GLU B 72 23.98 -5.39 -21.37
C GLU B 72 24.59 -4.09 -20.88
N SER B 73 25.59 -3.56 -21.60
CA SER B 73 26.22 -2.31 -21.18
C SER B 73 25.24 -1.15 -21.23
N LYS B 74 24.30 -1.17 -22.18
CA LYS B 74 23.24 -0.17 -22.21
C LYS B 74 22.42 -0.19 -20.92
N ILE B 75 22.17 -1.38 -20.38
CA ILE B 75 21.36 -1.47 -19.17
C ILE B 75 22.15 -0.94 -17.98
N TYR B 76 23.44 -1.31 -17.88
CA TYR B 76 24.27 -0.74 -16.83
C TYR B 76 24.33 0.78 -16.93
N LYS B 77 24.50 1.30 -18.15
CA LYS B 77 24.62 2.75 -18.33
C LYS B 77 23.38 3.47 -17.83
N MET B 78 22.21 2.91 -18.12
CA MET B 78 20.97 3.55 -17.73
C MET B 78 20.80 3.52 -16.21
N MET B 79 21.39 2.53 -15.53
CA MET B 79 21.29 2.42 -14.09
C MET B 79 22.47 3.05 -13.34
N GLN B 80 23.36 3.75 -14.03
CA GLN B 80 24.50 4.34 -13.34
C GLN B 80 24.03 5.32 -12.26
N GLY B 81 24.67 5.26 -11.11
CA GLY B 81 24.23 6.03 -9.98
C GLY B 81 23.27 5.29 -9.08
N GLY B 82 22.73 4.17 -9.53
CA GLY B 82 21.92 3.36 -8.65
C GLY B 82 22.78 2.77 -7.55
N VAL B 83 22.22 2.74 -6.35
CA VAL B 83 22.92 2.12 -5.23
C VAL B 83 23.16 0.65 -5.54
N GLY B 84 24.40 0.19 -5.38
CA GLY B 84 24.67 -1.21 -5.57
C GLY B 84 24.61 -1.70 -7.00
N ILE B 85 24.70 -0.80 -7.96
CA ILE B 85 24.86 -1.14 -9.38
C ILE B 85 26.32 -0.89 -9.75
N PRO B 86 27.03 -1.88 -10.32
CA PRO B 86 28.44 -1.65 -10.66
C PRO B 86 28.58 -0.55 -11.70
N THR B 87 29.65 0.21 -11.58
CA THR B 87 29.93 1.29 -12.53
C THR B 87 30.66 0.76 -13.76
N ILE B 88 30.21 1.21 -14.93
CA ILE B 88 30.87 0.90 -16.20
C ILE B 88 31.94 1.94 -16.48
N ARG B 89 33.17 1.49 -16.71
CA ARG B 89 34.25 2.40 -17.02
C ARG B 89 34.50 2.54 -18.53
N TRP B 90 34.26 1.50 -19.32
CA TRP B 90 34.53 1.56 -20.74
C TRP B 90 33.89 0.38 -21.44
N CYS B 91 33.39 0.59 -22.66
N CYS B 91 33.39 0.61 -22.65
CA CYS B 91 32.83 -0.49 -23.47
CA CYS B 91 32.82 -0.45 -23.49
C CYS B 91 33.20 -0.27 -24.93
C CYS B 91 33.32 -0.23 -24.91
N GLY B 92 33.77 -1.29 -25.55
CA GLY B 92 34.23 -1.17 -26.91
C GLY B 92 34.58 -2.53 -27.47
N ALA B 93 35.44 -2.53 -28.49
CA ALA B 93 35.88 -3.75 -29.13
C ALA B 93 37.41 -3.77 -29.15
N GLU B 94 37.96 -4.98 -29.06
CA GLU B 94 39.41 -5.18 -29.14
C GLU B 94 39.66 -6.56 -29.74
N GLY B 95 40.42 -6.61 -30.83
CA GLY B 95 40.72 -7.87 -31.48
C GLY B 95 39.50 -8.72 -31.77
N ASP B 96 39.43 -9.91 -31.18
CA ASP B 96 38.34 -10.85 -31.40
C ASP B 96 37.18 -10.68 -30.42
N TYR B 97 37.17 -9.60 -29.63
CA TYR B 97 36.25 -9.49 -28.52
C TYR B 97 35.55 -8.14 -28.49
N ASN B 98 34.30 -8.18 -28.06
CA ASN B 98 33.66 -7.05 -27.42
C ASN B 98 34.04 -7.06 -25.94
N VAL B 99 34.19 -5.86 -25.37
CA VAL B 99 34.80 -5.68 -24.06
C VAL B 99 33.96 -4.72 -23.23
N MET B 100 33.73 -5.07 -21.96
CA MET B 100 33.08 -4.17 -21.02
C MET B 100 33.94 -4.12 -19.77
N VAL B 101 34.44 -2.94 -19.41
CA VAL B 101 35.29 -2.77 -18.22
C VAL B 101 34.45 -2.17 -17.11
N MET B 102 34.48 -2.82 -15.94
CA MET B 102 33.66 -2.45 -14.80
C MET B 102 34.55 -2.23 -13.58
N GLU B 103 34.09 -1.38 -12.67
N GLU B 103 34.07 -1.38 -12.67
CA GLU B 103 34.76 -1.33 -11.39
CA GLU B 103 34.68 -1.33 -11.35
C GLU B 103 34.73 -2.72 -10.76
C GLU B 103 34.72 -2.74 -10.77
N LEU B 104 35.80 -3.06 -10.07
CA LEU B 104 35.94 -4.38 -9.49
C LEU B 104 35.10 -4.46 -8.23
N LEU B 105 34.35 -5.54 -8.10
CA LEU B 105 33.57 -5.83 -6.91
C LEU B 105 34.23 -6.99 -6.15
N GLY B 106 33.69 -7.26 -4.97
CA GLY B 106 34.24 -8.29 -4.13
C GLY B 106 33.61 -9.65 -4.38
N PRO B 107 33.71 -10.52 -3.37
CA PRO B 107 33.17 -11.88 -3.49
C PRO B 107 31.65 -11.92 -3.59
N SER B 108 31.16 -12.96 -4.26
CA SER B 108 29.72 -13.18 -4.38
C SER B 108 29.20 -13.74 -3.06
N LEU B 109 27.87 -13.66 -2.90
CA LEU B 109 27.29 -14.19 -1.67
C LEU B 109 27.41 -15.71 -1.61
N GLU B 110 27.43 -16.39 -2.75
CA GLU B 110 27.72 -17.83 -2.72
C GLU B 110 29.15 -18.07 -2.26
N ASP B 111 30.11 -17.30 -2.77
CA ASP B 111 31.50 -17.42 -2.31
C ASP B 111 31.59 -17.23 -0.80
N LEU B 112 30.97 -16.16 -0.30
CA LEU B 112 31.02 -15.88 1.12
C LEU B 112 30.29 -16.93 1.93
N PHE B 113 29.20 -17.48 1.39
CA PHE B 113 28.48 -18.54 2.09
C PHE B 113 29.38 -19.75 2.29
N ASN B 114 30.13 -20.13 1.27
CA ASN B 114 31.06 -21.26 1.39
C ASN B 114 32.18 -20.95 2.38
N PHE B 115 32.69 -19.72 2.35
CA PHE B 115 33.76 -19.34 3.25
C PHE B 115 33.27 -19.33 4.69
N CYS B 116 31.97 -19.10 4.89
CA CYS B 116 31.35 -19.17 6.20
C CYS B 116 30.78 -20.54 6.52
N SER B 117 31.26 -21.59 5.86
CA SER B 117 30.83 -22.96 6.15
C SER B 117 29.33 -23.17 5.90
N ARG B 118 28.80 -22.44 4.93
CA ARG B 118 27.43 -22.63 4.47
C ARG B 118 26.44 -22.45 5.62
N LYS B 119 26.73 -21.50 6.50
CA LYS B 119 25.79 -21.08 7.54
C LYS B 119 25.98 -19.60 7.79
N PHE B 120 24.90 -18.85 7.63
CA PHE B 120 24.85 -17.44 7.98
C PHE B 120 24.00 -17.27 9.24
N SER B 121 24.46 -16.42 10.14
CA SER B 121 23.67 -16.03 11.29
C SER B 121 22.41 -15.32 10.83
N LEU B 122 21.39 -15.38 11.68
CA LEU B 122 20.14 -14.70 11.35
C LEU B 122 20.39 -13.24 11.05
N LYS B 123 21.26 -12.60 11.84
CA LYS B 123 21.56 -11.20 11.62
C LYS B 123 22.07 -10.96 10.21
N THR B 124 22.99 -11.78 9.74
CA THR B 124 23.55 -11.56 8.39
C THR B 124 22.46 -11.74 7.33
N VAL B 125 21.63 -12.78 7.49
CA VAL B 125 20.53 -12.98 6.55
C VAL B 125 19.64 -11.75 6.47
N LEU B 126 19.32 -11.15 7.62
CA LEU B 126 18.41 -10.00 7.61
C LEU B 126 19.08 -8.75 7.05
N LEU B 127 20.36 -8.53 7.37
CA LEU B 127 21.11 -7.44 6.74
C LEU B 127 21.11 -7.59 5.24
N LEU B 128 21.30 -8.81 4.75
CA LEU B 128 21.31 -9.04 3.32
C LEU B 128 19.92 -8.83 2.74
N ALA B 129 18.89 -9.37 3.40
CA ALA B 129 17.53 -9.25 2.88
C ALA B 129 17.15 -7.80 2.67
N ASP B 130 17.53 -6.93 3.60
CA ASP B 130 17.14 -5.53 3.49
C ASP B 130 17.69 -4.91 2.22
N GLN B 131 18.96 -5.17 1.93
CA GLN B 131 19.57 -4.58 0.74
C GLN B 131 19.08 -5.26 -0.53
N MET B 132 18.95 -6.59 -0.50
CA MET B 132 18.58 -7.31 -1.70
C MET B 132 17.18 -6.92 -2.16
N ILE B 133 16.26 -6.71 -1.22
CA ILE B 133 14.92 -6.26 -1.62
C ILE B 133 15.01 -4.89 -2.29
N SER B 134 15.81 -3.99 -1.72
CA SER B 134 15.98 -2.65 -2.30
C SER B 134 16.62 -2.71 -3.68
N ARG B 135 17.60 -3.61 -3.90
CA ARG B 135 18.24 -3.74 -5.21
C ARG B 135 17.22 -4.14 -6.26
N ILE B 136 16.38 -5.12 -5.93
CA ILE B 136 15.36 -5.59 -6.88
C ILE B 136 14.34 -4.50 -7.13
N GLU B 137 13.90 -3.81 -6.08
CA GLU B 137 13.00 -2.69 -6.28
C GLU B 137 13.59 -1.67 -7.24
N TYR B 138 14.87 -1.34 -7.09
CA TYR B 138 15.48 -0.35 -7.96
C TYR B 138 15.44 -0.80 -9.42
N ILE B 139 15.85 -2.05 -9.69
CA ILE B 139 15.80 -2.58 -11.04
C ILE B 139 14.38 -2.47 -11.59
N HIS B 140 13.39 -2.84 -10.79
CA HIS B 140 12.02 -2.74 -11.23
C HIS B 140 11.61 -1.29 -11.49
N SER B 141 12.11 -0.35 -10.67
CA SER B 141 11.82 1.07 -10.90
C SER B 141 12.35 1.55 -12.25
N LYS B 142 13.33 0.85 -12.83
CA LYS B 142 13.85 1.17 -14.14
C LYS B 142 13.22 0.30 -15.24
N ASN B 143 12.08 -0.33 -14.95
CA ASN B 143 11.25 -1.03 -15.92
C ASN B 143 11.82 -2.37 -16.34
N PHE B 144 12.80 -2.89 -15.61
CA PHE B 144 13.39 -4.17 -15.91
C PHE B 144 13.06 -5.19 -14.83
N ILE B 145 13.01 -6.45 -15.24
CA ILE B 145 13.06 -7.58 -14.33
C ILE B 145 14.35 -8.31 -14.62
N HIS B 146 14.97 -8.81 -13.55
CA HIS B 146 16.31 -9.39 -13.60
C HIS B 146 16.30 -10.81 -14.16
N ARG B 147 15.44 -11.66 -13.60
CA ARG B 147 15.14 -13.01 -14.04
C ARG B 147 16.20 -14.03 -13.69
N ASP B 148 17.22 -13.68 -12.91
CA ASP B 148 18.18 -14.69 -12.46
C ASP B 148 18.67 -14.33 -11.07
N VAL B 149 17.74 -14.15 -10.15
CA VAL B 149 18.06 -13.84 -8.77
C VAL B 149 18.66 -15.09 -8.13
N LYS B 150 19.93 -15.01 -7.75
CA LYS B 150 20.63 -16.14 -7.15
C LYS B 150 21.87 -15.61 -6.45
N PRO B 151 22.42 -16.38 -5.50
CA PRO B 151 23.55 -15.84 -4.70
C PRO B 151 24.74 -15.41 -5.54
N ASP B 152 25.02 -16.11 -6.64
CA ASP B 152 26.16 -15.77 -7.49
C ASP B 152 26.02 -14.39 -8.15
N ASN B 153 24.82 -13.82 -8.19
CA ASN B 153 24.63 -12.55 -8.86
C ASN B 153 24.53 -11.38 -7.88
N PHE B 154 24.87 -11.62 -6.63
CA PHE B 154 25.02 -10.58 -5.64
C PHE B 154 26.45 -10.62 -5.15
N LEU B 155 27.14 -9.50 -5.24
CA LEU B 155 28.53 -9.38 -4.86
C LEU B 155 28.68 -8.24 -3.86
N MET B 156 29.52 -8.42 -2.84
CA MET B 156 29.83 -7.30 -1.97
C MET B 156 30.82 -6.38 -2.67
N GLY B 157 30.73 -5.09 -2.37
CA GLY B 157 31.74 -4.17 -2.84
C GLY B 157 33.07 -4.40 -2.14
N LEU B 158 34.09 -3.71 -2.63
CA LEU B 158 35.42 -3.72 -2.02
C LEU B 158 35.67 -2.41 -1.31
N GLY B 159 36.56 -2.46 -0.32
CA GLY B 159 37.05 -1.25 0.29
C GLY B 159 35.95 -0.48 0.98
N LYS B 160 35.82 0.81 0.65
CA LYS B 160 34.82 1.66 1.27
C LYS B 160 33.40 1.22 0.92
N LYS B 161 33.22 0.40 -0.10
CA LYS B 161 31.90 -0.09 -0.47
C LYS B 161 31.66 -1.51 0.02
N GLY B 162 32.49 -2.01 0.92
CA GLY B 162 32.39 -3.37 1.39
C GLY B 162 31.15 -3.69 2.20
N ASN B 163 30.40 -2.68 2.65
CA ASN B 163 29.13 -2.94 3.32
C ASN B 163 27.94 -3.01 2.35
N LEU B 164 28.17 -2.78 1.07
CA LEU B 164 27.11 -2.67 0.08
C LEU B 164 26.98 -3.96 -0.73
N VAL B 165 25.75 -4.48 -0.82
CA VAL B 165 25.44 -5.62 -1.67
C VAL B 165 25.17 -5.06 -3.06
N TYR B 166 25.94 -5.53 -4.06
CA TYR B 166 25.70 -5.18 -5.46
C TYR B 166 24.98 -6.32 -6.14
N ILE B 167 24.20 -5.99 -7.18
CA ILE B 167 23.58 -7.00 -8.03
C ILE B 167 24.24 -6.89 -9.40
N ILE B 168 24.48 -8.04 -10.04
CA ILE B 168 25.21 -8.09 -11.30
C ILE B 168 24.47 -8.96 -12.29
N ASP B 169 24.94 -8.86 -13.54
CA ASP B 169 24.62 -9.69 -14.67
C ASP B 169 23.19 -9.48 -15.14
N PHE B 170 23.03 -8.65 -16.14
CA PHE B 170 21.72 -8.38 -16.73
C PHE B 170 21.59 -9.07 -18.07
N GLY B 171 22.34 -10.15 -18.28
CA GLY B 171 22.25 -10.89 -19.53
C GLY B 171 20.91 -11.55 -19.77
N LEU B 172 20.15 -11.86 -18.71
CA LEU B 172 18.83 -12.47 -18.86
C LEU B 172 17.68 -11.51 -18.58
N ALA B 173 18.00 -10.26 -18.26
CA ALA B 173 17.00 -9.26 -17.92
C ALA B 173 16.13 -8.89 -19.12
N LYS B 174 14.94 -8.38 -18.81
CA LYS B 174 13.91 -8.10 -19.79
C LYS B 174 13.11 -6.90 -19.30
N LYS B 175 12.75 -6.04 -20.23
CA LYS B 175 11.87 -4.94 -19.91
C LYS B 175 10.45 -5.48 -19.67
N TYR B 176 9.80 -5.05 -18.58
CA TYR B 176 8.45 -5.51 -18.32
C TYR B 176 7.38 -4.44 -18.57
N ARG B 177 7.78 -3.22 -18.90
CA ARG B 177 6.82 -2.17 -19.26
C ARG B 177 7.52 -1.03 -20.03
N GLN B 183 1.09 -0.52 -20.79
CA GLN B 183 2.43 -0.42 -20.22
C GLN B 183 3.01 -1.80 -19.91
N HIS B 184 2.37 -2.53 -18.98
CA HIS B 184 2.90 -3.82 -18.56
C HIS B 184 2.81 -4.84 -19.69
N ILE B 185 3.81 -5.72 -19.76
CA ILE B 185 3.81 -6.80 -20.76
C ILE B 185 2.59 -7.70 -20.53
N PRO B 186 2.09 -8.35 -21.57
CA PRO B 186 0.89 -9.17 -21.42
C PRO B 186 1.19 -10.48 -20.71
N TYR B 187 0.14 -11.08 -20.16
CA TYR B 187 0.23 -12.43 -19.62
C TYR B 187 0.56 -13.41 -20.75
N ARG B 188 1.62 -14.17 -20.57
CA ARG B 188 2.03 -15.15 -21.56
C ARG B 188 2.70 -16.31 -20.86
N GLU B 189 2.76 -17.45 -21.53
CA GLU B 189 3.52 -18.57 -21.00
C GLU B 189 4.68 -18.89 -21.94
N ASN B 190 5.85 -19.11 -21.36
CA ASN B 190 7.06 -19.52 -22.08
C ASN B 190 7.98 -20.28 -21.13
N LEU B 193 13.24 -22.69 -16.65
CA LEU B 193 13.76 -22.76 -18.01
C LEU B 193 14.91 -21.76 -18.24
N THR B 194 14.60 -20.46 -18.15
CA THR B 194 15.57 -19.40 -18.42
C THR B 194 16.66 -19.27 -17.36
N GLY B 195 16.30 -18.75 -16.19
CA GLY B 195 17.23 -18.61 -15.09
C GLY B 195 17.64 -19.95 -14.51
N THR B 196 17.96 -19.94 -13.22
CA THR B 196 18.41 -21.14 -12.52
C THR B 196 17.21 -21.86 -11.92
N ALA B 197 17.20 -23.19 -12.01
CA ALA B 197 16.06 -23.95 -11.52
C ALA B 197 15.95 -23.87 -9.99
N ARG B 198 17.08 -23.86 -9.29
CA ARG B 198 17.05 -23.95 -7.83
C ARG B 198 16.22 -22.84 -7.21
N TYR B 199 16.32 -21.62 -7.74
CA TYR B 199 15.63 -20.47 -7.14
C TYR B 199 14.43 -19.99 -7.95
N ALA B 200 14.09 -20.68 -9.02
CA ALA B 200 12.99 -20.26 -9.88
C ALA B 200 11.66 -20.31 -9.14
N SER B 201 10.80 -19.35 -9.44
CA SER B 201 9.45 -19.30 -8.89
C SER B 201 8.61 -20.47 -9.38
N ILE B 202 7.60 -20.83 -8.59
CA ILE B 202 6.68 -21.88 -9.02
C ILE B 202 6.02 -21.52 -10.34
N ASN B 203 5.65 -20.24 -10.52
CA ASN B 203 5.05 -19.84 -11.78
C ASN B 203 6.00 -20.01 -12.96
N THR B 204 7.30 -19.83 -12.74
CA THR B 204 8.27 -20.10 -13.80
C THR B 204 8.28 -21.57 -14.16
N HIS B 205 8.23 -22.45 -13.15
CA HIS B 205 8.14 -23.88 -13.43
C HIS B 205 6.88 -24.24 -14.20
N LEU B 206 5.80 -23.48 -14.00
CA LEU B 206 4.58 -23.70 -14.77
C LEU B 206 4.64 -23.11 -16.17
N GLY B 207 5.73 -22.43 -16.52
CA GLY B 207 5.92 -21.87 -17.84
C GLY B 207 5.38 -20.48 -18.01
N ILE B 208 4.99 -19.81 -16.93
CA ILE B 208 4.42 -18.47 -17.03
C ILE B 208 5.54 -17.46 -17.18
N GLU B 209 5.28 -16.43 -17.97
CA GLU B 209 6.22 -15.32 -18.17
C GLU B 209 6.61 -14.70 -16.82
N GLN B 210 7.90 -14.49 -16.61
CA GLN B 210 8.36 -13.89 -15.38
C GLN B 210 7.95 -12.42 -15.32
N SER B 211 7.59 -11.96 -14.12
CA SER B 211 7.26 -10.56 -13.88
C SER B 211 7.92 -10.19 -12.56
N ARG B 212 7.55 -9.02 -12.01
CA ARG B 212 8.25 -8.50 -10.82
C ARG B 212 8.14 -9.46 -9.65
N ARG B 213 6.99 -10.10 -9.47
CA ARG B 213 6.78 -11.03 -8.36
C ARG B 213 7.82 -12.14 -8.36
N ASP B 214 8.23 -12.59 -9.54
CA ASP B 214 9.10 -13.75 -9.64
C ASP B 214 10.53 -13.42 -9.17
N ASP B 215 11.00 -12.19 -9.38
CA ASP B 215 12.29 -11.78 -8.80
C ASP B 215 12.24 -11.88 -7.28
N LEU B 216 11.13 -11.48 -6.68
CA LEU B 216 11.01 -11.49 -5.23
C LEU B 216 10.78 -12.89 -4.64
N GLU B 217 10.04 -13.75 -5.34
CA GLU B 217 9.92 -15.12 -4.85
C GLU B 217 11.27 -15.82 -4.89
N SER B 218 12.04 -15.60 -5.96
CA SER B 218 13.39 -16.17 -6.02
C SER B 218 14.24 -15.71 -4.83
N LEU B 219 14.18 -14.42 -4.50
CA LEU B 219 14.90 -13.94 -3.34
C LEU B 219 14.46 -14.68 -2.09
N GLY B 220 13.15 -14.96 -1.96
CA GLY B 220 12.67 -15.71 -0.82
C GLY B 220 13.30 -17.08 -0.70
N TYR B 221 13.51 -17.76 -1.83
CA TYR B 221 14.20 -19.05 -1.79
C TYR B 221 15.66 -18.88 -1.45
N VAL B 222 16.27 -17.81 -1.95
CA VAL B 222 17.67 -17.54 -1.64
C VAL B 222 17.85 -17.35 -0.14
N LEU B 223 16.95 -16.59 0.49
CA LEU B 223 17.04 -16.34 1.93
C LEU B 223 16.90 -17.63 2.73
N MET B 224 15.96 -18.50 2.34
CA MET B 224 15.84 -19.77 3.07
C MET B 224 17.03 -20.67 2.80
N TYR B 225 17.58 -20.58 1.59
CA TYR B 225 18.82 -21.29 1.29
C TYR B 225 19.94 -20.88 2.24
N PHE B 226 20.08 -19.57 2.51
CA PHE B 226 21.10 -19.10 3.46
C PHE B 226 20.82 -19.62 4.87
N ASN B 227 19.56 -19.68 5.26
CA ASN B 227 19.20 -20.15 6.59
C ASN B 227 19.50 -21.64 6.76
N LEU B 228 19.21 -22.44 5.72
CA LEU B 228 19.22 -23.90 5.79
C LEU B 228 20.53 -24.53 5.36
N GLY B 229 21.27 -23.88 4.46
CA GLY B 229 22.43 -24.47 3.82
C GLY B 229 22.15 -25.18 2.52
N SER B 230 20.88 -25.47 2.22
CA SER B 230 20.49 -26.09 0.97
C SER B 230 18.97 -26.06 0.93
N LEU B 231 18.43 -26.31 -0.24
CA LEU B 231 16.98 -26.37 -0.36
C LEU B 231 16.54 -27.80 -0.61
N PRO B 232 15.32 -28.18 -0.19
CA PRO B 232 14.92 -29.59 -0.28
C PRO B 232 14.80 -30.11 -1.70
N TRP B 233 14.78 -29.24 -2.70
CA TRP B 233 14.72 -29.68 -4.09
C TRP B 233 16.10 -29.72 -4.76
N GLN B 234 17.17 -29.57 -3.99
CA GLN B 234 18.52 -29.81 -4.48
C GLN B 234 18.86 -31.29 -4.41
N GLY B 235 19.69 -31.74 -5.35
CA GLY B 235 20.24 -33.08 -5.28
C GLY B 235 19.20 -34.19 -5.38
N LEU B 236 18.29 -34.05 -6.33
CA LEU B 236 17.34 -35.11 -6.65
C LEU B 236 17.87 -35.90 -7.83
N LYS B 237 17.62 -37.21 -7.83
CA LYS B 237 18.14 -38.08 -8.88
C LYS B 237 17.30 -37.96 -10.14
N ALA B 238 17.97 -37.83 -11.29
CA ALA B 238 17.30 -37.78 -12.58
C ALA B 238 18.35 -37.94 -13.67
N ALA B 239 18.05 -38.77 -14.66
CA ALA B 239 19.01 -39.09 -15.72
C ALA B 239 19.20 -37.91 -16.68
N TPO B 240 18.13 -37.49 -17.33
CA TPO B 240 18.20 -36.43 -18.33
CB TPO B 240 17.32 -36.77 -19.51
CG2 TPO B 240 17.97 -37.95 -20.25
OG1 TPO B 240 16.01 -37.14 -19.04
P TPO B 240 14.89 -36.77 -20.14
O1P TPO B 240 15.20 -35.30 -20.70
O2P TPO B 240 13.43 -36.75 -19.47
O3P TPO B 240 14.90 -37.75 -21.26
C TPO B 240 17.81 -35.09 -17.74
O TPO B 240 17.29 -35.03 -16.62
N LYS B 241 18.03 -34.02 -18.49
CA LYS B 241 17.76 -32.66 -18.03
C LYS B 241 16.28 -32.37 -17.81
N ARG B 242 15.42 -32.85 -18.73
CA ARG B 242 13.99 -32.55 -18.62
C ARG B 242 13.43 -33.12 -17.32
N GLN B 243 13.74 -34.38 -17.01
CA GLN B 243 13.28 -34.96 -15.75
C GLN B 243 13.91 -34.28 -14.56
N LYS B 244 15.17 -33.84 -14.68
CA LYS B 244 15.79 -33.07 -13.60
C LYS B 244 14.91 -31.88 -13.21
N TYR B 245 14.41 -31.14 -14.20
CA TYR B 245 13.59 -29.98 -13.89
C TYR B 245 12.23 -30.39 -13.32
N GLU B 246 11.58 -31.39 -13.92
CA GLU B 246 10.30 -31.84 -13.37
C GLU B 246 10.43 -32.23 -11.91
N ARG B 247 11.50 -32.96 -11.56
CA ARG B 247 11.70 -33.34 -10.16
C ARG B 247 11.79 -32.11 -9.28
N ILE B 248 12.52 -31.08 -9.72
CA ILE B 248 12.63 -29.86 -8.95
C ILE B 248 11.27 -29.18 -8.84
N SER B 249 10.59 -29.03 -9.97
CA SER B 249 9.26 -28.44 -9.97
C SER B 249 8.32 -29.20 -9.03
N GLU B 250 8.31 -30.53 -9.13
CA GLU B 250 7.38 -31.30 -8.32
C GLU B 250 7.73 -31.17 -6.84
N LYS B 251 9.01 -31.23 -6.50
CA LYS B 251 9.40 -31.09 -5.10
C LYS B 251 9.02 -29.72 -4.57
N LYS B 252 9.24 -28.69 -5.38
CA LYS B 252 8.94 -27.33 -4.95
C LYS B 252 7.44 -27.14 -4.75
N MET B 253 6.63 -27.70 -5.64
CA MET B 253 5.18 -27.54 -5.56
C MET B 253 4.54 -28.44 -4.51
N SER B 254 5.25 -29.45 -4.02
CA SER B 254 4.74 -30.34 -2.98
C SER B 254 5.37 -30.09 -1.61
N THR B 255 6.24 -29.07 -1.48
CA THR B 255 6.83 -28.69 -0.20
C THR B 255 6.12 -27.45 0.32
N PRO B 256 5.20 -27.57 1.28
CA PRO B 256 4.55 -26.37 1.82
C PRO B 256 5.56 -25.37 2.38
N ILE B 257 5.23 -24.09 2.23
CA ILE B 257 6.11 -23.04 2.74
C ILE B 257 6.33 -23.22 4.24
N GLU B 258 5.29 -23.65 4.96
CA GLU B 258 5.45 -23.78 6.41
C GLU B 258 6.41 -24.92 6.73
N VAL B 259 6.53 -25.90 5.83
CA VAL B 259 7.51 -26.96 6.02
C VAL B 259 8.90 -26.50 5.65
N LEU B 260 9.03 -25.82 4.50
CA LEU B 260 10.32 -25.28 4.08
C LEU B 260 10.93 -24.42 5.16
N CYS B 261 10.12 -23.58 5.82
CA CYS B 261 10.57 -22.58 6.76
C CYS B 261 10.47 -23.03 8.21
N LYS B 262 10.16 -24.31 8.46
CA LYS B 262 9.97 -24.77 9.83
C LYS B 262 11.24 -24.58 10.63
N GLY B 263 11.09 -24.05 11.85
CA GLY B 263 12.23 -23.78 12.70
C GLY B 263 12.86 -22.42 12.52
N TYR B 264 12.37 -21.60 11.60
CA TYR B 264 12.93 -20.29 11.33
C TYR B 264 11.84 -19.24 11.53
N PRO B 265 12.23 -17.98 11.74
CA PRO B 265 11.23 -16.97 12.08
C PRO B 265 10.12 -16.92 11.04
N SER B 266 8.90 -16.70 11.52
CA SER B 266 7.74 -16.75 10.63
C SER B 266 7.86 -15.76 9.47
N GLU B 267 8.68 -14.71 9.60
CA GLU B 267 8.78 -13.70 8.54
C GLU B 267 9.18 -14.29 7.20
N PHE B 268 10.02 -15.32 7.19
CA PHE B 268 10.46 -15.89 5.91
C PHE B 268 9.30 -16.57 5.19
N ALA B 269 8.41 -17.24 5.93
CA ALA B 269 7.23 -17.86 5.34
C ALA B 269 6.20 -16.82 4.92
N THR B 270 6.00 -15.82 5.77
CA THR B 270 5.13 -14.70 5.41
C THR B 270 5.58 -14.04 4.12
N TYR B 271 6.89 -13.85 3.97
CA TYR B 271 7.47 -13.27 2.76
C TYR B 271 7.15 -14.12 1.54
N LEU B 272 7.41 -15.43 1.63
CA LEU B 272 7.19 -16.29 0.47
C LEU B 272 5.70 -16.39 0.13
N ASN B 273 4.84 -16.48 1.14
CA ASN B 273 3.40 -16.51 0.90
C ASN B 273 2.92 -15.21 0.25
N PHE B 274 3.48 -14.08 0.67
CA PHE B 274 3.13 -12.82 0.04
C PHE B 274 3.51 -12.82 -1.43
N CYS B 275 4.72 -13.30 -1.76
CA CYS B 275 5.12 -13.28 -3.17
C CYS B 275 4.28 -14.24 -4.01
N ARG B 276 3.97 -15.42 -3.46
N ARG B 276 3.97 -15.42 -3.47
CA ARG B 276 3.18 -16.41 -4.19
CA ARG B 276 3.18 -16.38 -4.24
C ARG B 276 1.75 -15.95 -4.41
C ARG B 276 1.75 -15.94 -4.44
N SER B 277 1.27 -14.96 -3.66
CA SER B 277 -0.07 -14.43 -3.82
C SER B 277 -0.15 -13.29 -4.84
N LEU B 278 0.99 -12.73 -5.24
CA LEU B 278 0.97 -11.59 -6.14
C LEU B 278 0.40 -11.95 -7.50
N ARG B 279 -0.38 -11.04 -8.06
CA ARG B 279 -0.87 -11.21 -9.41
C ARG B 279 0.22 -10.83 -10.42
N PHE B 280 0.03 -11.29 -11.65
CA PHE B 280 1.06 -11.16 -12.68
C PHE B 280 1.58 -9.73 -12.79
N ASP B 281 0.67 -8.74 -12.84
CA ASP B 281 1.08 -7.36 -13.06
C ASP B 281 1.07 -6.51 -11.80
N ASP B 282 0.90 -7.11 -10.62
CA ASP B 282 0.93 -6.35 -9.38
C ASP B 282 2.30 -5.71 -9.18
N LYS B 283 2.30 -4.47 -8.72
CA LYS B 283 3.50 -3.86 -8.16
C LYS B 283 3.69 -4.38 -6.74
N PRO B 284 4.79 -5.07 -6.43
CA PRO B 284 4.97 -5.60 -5.08
C PRO B 284 5.06 -4.46 -4.08
N ASP B 285 4.61 -4.75 -2.85
CA ASP B 285 4.77 -3.82 -1.74
C ASP B 285 6.14 -4.06 -1.11
N TYR B 286 7.17 -3.48 -1.75
CA TYR B 286 8.54 -3.67 -1.28
C TYR B 286 8.74 -3.17 0.15
N SER B 287 8.15 -2.03 0.48
N SER B 287 8.15 -2.04 0.49
CA SER B 287 8.31 -1.46 1.82
CA SER B 287 8.31 -1.47 1.82
C SER B 287 7.75 -2.41 2.88
C SER B 287 7.75 -2.41 2.89
N TYR B 288 6.58 -3.00 2.61
CA TYR B 288 6.02 -3.96 3.53
C TYR B 288 6.98 -5.13 3.74
N LEU B 289 7.57 -5.64 2.65
CA LEU B 289 8.46 -6.79 2.76
C LEU B 289 9.74 -6.42 3.54
N ARG B 290 10.29 -5.23 3.30
CA ARG B 290 11.45 -4.78 4.08
C ARG B 290 11.09 -4.56 5.55
N GLN B 291 9.90 -3.99 5.80
CA GLN B 291 9.51 -3.73 7.18
C GLN B 291 9.29 -5.03 7.94
N LEU B 292 8.85 -6.07 7.24
CA LEU B 292 8.73 -7.39 7.86
C LEU B 292 10.04 -7.81 8.50
N PHE B 293 11.12 -7.79 7.73
CA PHE B 293 12.40 -8.22 8.27
C PHE B 293 12.99 -7.20 9.24
N ARG B 294 12.78 -5.90 9.00
CA ARG B 294 13.26 -4.87 9.91
C ARG B 294 12.65 -5.05 11.29
N ASN B 295 11.34 -5.35 11.34
CA ASN B 295 10.68 -5.54 12.63
C ASN B 295 11.26 -6.74 13.35
N LEU B 296 11.54 -7.82 12.62
CA LEU B 296 12.21 -8.96 13.24
C LEU B 296 13.60 -8.55 13.72
N PHE B 297 14.36 -7.86 12.86
CA PHE B 297 15.69 -7.35 13.25
C PHE B 297 15.63 -6.60 14.56
N HIS B 298 14.65 -5.72 14.70
CA HIS B 298 14.51 -4.95 15.93
C HIS B 298 14.09 -5.83 17.11
N ARG B 299 13.15 -6.75 16.90
N ARG B 299 13.16 -6.77 16.91
CA ARG B 299 12.74 -7.64 17.98
CA ARG B 299 12.75 -7.61 18.03
C ARG B 299 13.92 -8.43 18.52
C ARG B 299 13.89 -8.48 18.52
N GLN B 300 14.86 -8.78 17.66
CA GLN B 300 16.03 -9.56 18.07
C GLN B 300 17.07 -8.72 18.78
N GLY B 301 16.95 -7.40 18.75
CA GLY B 301 17.94 -6.57 19.40
C GLY B 301 19.24 -6.49 18.63
N PHE B 302 19.24 -6.82 17.34
CA PHE B 302 20.45 -6.69 16.54
C PHE B 302 20.78 -5.23 16.29
N SER B 303 22.05 -4.97 16.02
CA SER B 303 22.54 -3.64 15.69
C SER B 303 22.76 -3.56 14.17
N TYR B 304 22.31 -2.47 13.57
CA TYR B 304 22.42 -2.29 12.12
C TYR B 304 23.78 -1.64 11.83
N ASP B 305 24.82 -2.48 11.89
CA ASP B 305 26.20 -2.02 11.76
C ASP B 305 26.95 -2.65 10.60
N TYR B 306 26.28 -3.41 9.74
CA TYR B 306 26.91 -4.03 8.58
C TYR B 306 28.06 -4.97 8.96
N VAL B 307 28.03 -5.52 10.17
CA VAL B 307 29.02 -6.51 10.57
C VAL B 307 28.42 -7.87 10.22
N PHE B 308 28.82 -8.38 9.04
CA PHE B 308 28.38 -9.66 8.54
C PHE B 308 29.27 -10.78 9.08
N ASP B 309 28.79 -12.01 8.97
CA ASP B 309 29.54 -13.16 9.47
C ASP B 309 30.96 -13.16 8.96
N TRP B 310 31.15 -12.92 7.66
CA TRP B 310 32.50 -13.02 7.10
C TRP B 310 33.45 -11.95 7.64
N ASN B 311 32.94 -10.81 8.11
CA ASN B 311 33.79 -9.79 8.72
C ASN B 311 34.41 -10.26 10.03
N MET B 312 33.90 -11.33 10.63
CA MET B 312 34.39 -11.83 11.91
C MET B 312 35.43 -12.95 11.77
N LEU B 313 35.73 -13.37 10.54
CA LEU B 313 36.75 -14.40 10.33
C LEU B 313 38.13 -13.86 10.72
N LYS B 314 38.88 -14.64 11.49
CA LYS B 314 40.17 -14.18 12.03
C LYS B 314 41.33 -14.62 11.15
N LEU C 23 39.14 44.25 29.93
CA LEU C 23 39.25 42.91 29.33
C LEU C 23 38.89 41.82 30.34
N ARG C 24 38.86 42.17 31.62
CA ARG C 24 38.46 41.21 32.64
C ARG C 24 36.94 41.13 32.71
N VAL C 25 36.44 39.94 33.03
CA VAL C 25 35.01 39.68 33.16
C VAL C 25 34.80 38.75 34.34
N GLY C 26 33.90 39.12 35.23
CA GLY C 26 33.75 38.36 36.44
C GLY C 26 35.09 38.36 37.15
N ASN C 27 35.50 37.19 37.64
CA ASN C 27 36.79 37.06 38.30
C ASN C 27 37.80 36.28 37.49
N ARG C 28 37.36 35.29 36.72
CA ARG C 28 38.25 34.32 36.10
C ARG C 28 38.20 34.30 34.59
N TYR C 29 37.43 35.20 33.96
CA TYR C 29 37.28 35.17 32.51
C TYR C 29 37.97 36.38 31.88
N ARG C 30 38.64 36.13 30.77
CA ARG C 30 39.32 37.15 29.98
C ARG C 30 38.57 37.32 28.67
N LEU C 31 38.06 38.51 28.42
CA LEU C 31 37.33 38.79 27.19
C LEU C 31 38.28 38.88 26.02
N GLY C 32 37.96 38.17 24.95
CA GLY C 32 38.73 38.21 23.72
C GLY C 32 38.08 39.09 22.67
N ARG C 33 38.28 38.73 21.41
CA ARG C 33 37.75 39.51 20.30
C ARG C 33 36.33 39.09 19.96
N LYS C 34 35.55 40.06 19.47
CA LYS C 34 34.20 39.79 19.01
C LYS C 34 34.24 38.85 17.81
N ILE C 35 33.36 37.85 17.81
CA ILE C 35 33.29 36.92 16.70
C ILE C 35 31.97 37.00 15.95
N GLY C 36 30.97 37.68 16.48
CA GLY C 36 29.75 37.90 15.74
C GLY C 36 28.64 38.33 16.68
N SER C 37 27.42 38.20 16.17
CA SER C 37 26.23 38.59 16.92
C SER C 37 25.18 37.50 16.77
N GLY C 38 24.40 37.31 17.83
CA GLY C 38 23.21 36.49 17.77
C GLY C 38 22.01 37.34 17.41
N SER C 39 20.83 36.75 17.58
CA SER C 39 19.60 37.50 17.35
C SER C 39 19.61 38.79 18.17
N PHE C 40 20.27 38.76 19.32
CA PHE C 40 20.55 39.94 20.12
C PHE C 40 21.91 39.75 20.77
N GLY C 41 22.54 40.87 21.12
CA GLY C 41 23.82 40.84 21.79
C GLY C 41 24.96 40.42 20.88
N ASP C 42 26.17 40.50 21.40
CA ASP C 42 27.38 40.17 20.67
C ASP C 42 28.08 39.01 21.36
N ILE C 43 28.72 38.17 20.57
CA ILE C 43 29.43 37.00 21.04
C ILE C 43 30.92 37.27 20.95
N TYR C 44 31.64 37.01 22.04
CA TYR C 44 33.08 37.18 22.07
C TYR C 44 33.76 35.85 22.40
N LEU C 45 34.97 35.69 21.89
CA LEU C 45 35.82 34.64 22.40
C LEU C 45 36.34 35.08 23.76
N GLY C 46 36.69 34.12 24.59
CA GLY C 46 37.28 34.44 25.87
C GLY C 46 38.06 33.25 26.36
N THR C 47 38.73 33.44 27.50
CA THR C 47 39.48 32.38 28.15
C THR C 47 39.05 32.31 29.60
N ASP C 48 38.68 31.11 30.06
CA ASP C 48 38.56 30.81 31.48
C ASP C 48 39.97 30.63 32.02
N ILE C 49 40.50 31.69 32.66
CA ILE C 49 41.88 31.71 33.16
C ILE C 49 42.12 30.59 34.16
N ALA C 50 41.13 30.34 35.04
CA ALA C 50 41.32 29.39 36.12
C ALA C 50 41.37 27.96 35.61
N ALA C 51 40.59 27.64 34.58
CA ALA C 51 40.51 26.30 34.03
C ALA C 51 41.37 26.09 32.79
N GLY C 52 41.95 27.16 32.22
CA GLY C 52 42.74 27.04 31.01
C GLY C 52 41.92 26.51 29.84
N GLU C 53 40.76 27.13 29.60
CA GLU C 53 39.86 26.69 28.54
C GLU C 53 39.24 27.90 27.87
N GLU C 54 39.17 27.87 26.55
CA GLU C 54 38.49 28.92 25.80
C GLU C 54 36.98 28.83 25.98
N VAL C 55 36.33 29.99 25.97
CA VAL C 55 34.89 30.09 26.19
C VAL C 55 34.30 31.08 25.20
N ALA C 56 32.97 31.04 25.08
CA ALA C 56 32.20 32.06 24.38
C ALA C 56 31.56 32.95 25.43
N ILE C 57 31.61 34.26 25.22
CA ILE C 57 31.06 35.23 26.17
C ILE C 57 30.08 36.11 25.42
N LYS C 58 28.83 36.12 25.88
CA LYS C 58 27.78 36.92 25.26
C LYS C 58 27.55 38.15 26.12
N LEU C 59 27.58 39.31 25.49
CA LEU C 59 27.42 40.59 26.16
C LEU C 59 26.17 41.29 25.66
N GLU C 60 25.51 42.00 26.58
CA GLU C 60 24.37 42.84 26.27
C GLU C 60 24.49 44.11 27.08
N CYS C 61 24.36 45.26 26.42
CA CYS C 61 24.43 46.53 27.13
C CYS C 61 23.29 46.61 28.15
N VAL C 62 23.64 46.99 29.38
CA VAL C 62 22.64 47.08 30.45
C VAL C 62 21.62 48.19 30.20
N LYS C 63 21.92 49.13 29.29
CA LYS C 63 21.01 50.22 29.02
C LYS C 63 19.87 49.82 28.10
N THR C 64 20.11 48.89 27.18
CA THR C 64 19.07 48.45 26.25
C THR C 64 17.91 47.78 26.98
N PRO C 67 15.64 44.36 26.58
CA PRO C 67 16.50 43.49 27.40
C PRO C 67 16.15 42.02 27.19
N GLN C 68 17.15 41.20 26.87
CA GLN C 68 16.89 39.80 26.51
C GLN C 68 17.85 38.81 27.14
N LEU C 69 19.05 39.21 27.56
CA LEU C 69 20.04 38.21 27.93
C LEU C 69 19.61 37.43 29.16
N HIS C 70 19.02 38.11 30.15
CA HIS C 70 18.61 37.41 31.36
C HIS C 70 17.53 36.39 31.04
N ILE C 71 16.61 36.74 30.15
CA ILE C 71 15.58 35.80 29.71
C ILE C 71 16.24 34.62 29.01
N GLU C 72 17.16 34.89 28.09
CA GLU C 72 17.74 33.81 27.31
C GLU C 72 18.51 32.85 28.21
N SER C 73 19.26 33.39 29.18
CA SER C 73 20.04 32.53 30.06
C SER C 73 19.13 31.61 30.87
N LYS C 74 17.96 32.11 31.28
CA LYS C 74 16.99 31.24 31.95
C LYS C 74 16.64 30.05 31.08
N ILE C 75 16.51 30.26 29.76
CA ILE C 75 16.14 29.15 28.88
C ILE C 75 17.30 28.17 28.76
N TYR C 76 18.53 28.67 28.60
CA TYR C 76 19.68 27.79 28.61
C TYR C 76 19.76 27.00 29.91
N LYS C 77 19.54 27.68 31.05
CA LYS C 77 19.59 26.98 32.32
C LYS C 77 18.58 25.84 32.37
N MET C 78 17.39 26.07 31.84
CA MET C 78 16.36 25.03 31.84
C MET C 78 16.73 23.90 30.90
N MET C 79 17.50 24.20 29.84
CA MET C 79 17.90 23.23 28.83
C MET C 79 19.15 22.44 29.20
N GLN C 80 19.87 22.83 30.27
CA GLN C 80 21.15 22.23 30.57
C GLN C 80 21.04 20.71 30.69
N GLY C 81 22.12 20.04 30.33
CA GLY C 81 22.18 18.59 30.35
C GLY C 81 21.62 17.92 29.12
N GLY C 82 20.84 18.64 28.31
CA GLY C 82 20.39 18.11 27.05
C GLY C 82 21.56 17.95 26.09
N VAL C 83 21.52 16.86 25.32
CA VAL C 83 22.54 16.64 24.30
C VAL C 83 22.50 17.79 23.31
N GLY C 84 23.67 18.36 23.02
CA GLY C 84 23.76 19.41 22.02
C GLY C 84 23.24 20.76 22.46
N ILE C 85 23.11 20.99 23.75
CA ILE C 85 22.83 22.31 24.31
C ILE C 85 24.12 22.85 24.92
N PRO C 86 24.55 24.05 24.55
CA PRO C 86 25.81 24.56 25.12
C PRO C 86 25.67 24.76 26.63
N THR C 87 26.77 24.47 27.33
CA THR C 87 26.80 24.58 28.78
C THR C 87 27.02 26.02 29.19
N ILE C 88 26.24 26.49 30.15
CA ILE C 88 26.38 27.85 30.66
C ILE C 88 27.31 27.79 31.87
N ARG C 89 28.38 28.57 31.83
CA ARG C 89 29.38 28.50 32.89
C ARG C 89 29.23 29.60 33.93
N TRP C 90 28.73 30.78 33.55
CA TRP C 90 28.62 31.87 34.49
C TRP C 90 27.70 32.94 33.93
N CYS C 91 26.87 33.49 34.80
CA CYS C 91 25.99 34.61 34.49
C CYS C 91 26.18 35.73 35.51
N GLY C 92 26.17 36.96 35.03
CA GLY C 92 26.26 38.10 35.93
C GLY C 92 26.37 39.38 35.14
N ALA C 93 26.86 40.40 35.83
CA ALA C 93 27.04 41.72 35.25
C ALA C 93 28.47 42.17 35.48
N GLU C 94 28.97 42.98 34.54
CA GLU C 94 30.30 43.56 34.63
C GLU C 94 30.26 44.91 33.95
N GLY C 95 30.54 45.97 34.69
CA GLY C 95 30.50 47.32 34.17
C GLY C 95 29.18 47.65 33.50
N ASP C 96 29.23 48.00 32.21
CA ASP C 96 28.07 48.43 31.46
C ASP C 96 27.32 47.29 30.77
N TYR C 97 27.64 46.03 31.08
CA TYR C 97 27.16 44.89 30.30
C TYR C 97 26.59 43.80 31.21
N ASN C 98 25.55 43.14 30.72
CA ASN C 98 25.15 41.82 31.21
C ASN C 98 25.95 40.77 30.47
N VAL C 99 26.30 39.69 31.18
CA VAL C 99 27.31 38.75 30.70
C VAL C 99 26.80 37.33 30.87
N MET C 100 27.03 36.52 29.84
CA MET C 100 26.73 35.10 29.87
C MET C 100 27.93 34.36 29.29
N VAL C 101 28.56 33.52 30.10
CA VAL C 101 29.74 32.76 29.67
C VAL C 101 29.32 31.32 29.38
N MET C 102 29.68 30.83 28.19
CA MET C 102 29.29 29.51 27.74
C MET C 102 30.51 28.71 27.30
N GLU C 103 30.37 27.39 27.29
CA GLU C 103 31.36 26.58 26.60
C GLU C 103 31.49 27.05 25.16
N LEU C 104 32.72 27.04 24.64
CA LEU C 104 32.96 27.47 23.27
C LEU C 104 32.58 26.37 22.29
N LEU C 105 31.82 26.73 21.27
CA LEU C 105 31.45 25.79 20.22
C LEU C 105 32.24 26.10 18.97
N GLY C 106 32.09 25.21 18.01
CA GLY C 106 32.80 25.28 16.76
C GLY C 106 32.03 26.05 15.70
N PRO C 107 32.38 25.81 14.44
CA PRO C 107 31.74 26.56 13.35
C PRO C 107 30.27 26.19 13.21
N SER C 108 29.50 27.16 12.73
CA SER C 108 28.10 26.90 12.41
C SER C 108 27.98 26.11 11.10
N LEU C 109 26.80 25.55 10.89
CA LEU C 109 26.60 24.77 9.68
C LEU C 109 26.64 25.65 8.44
N GLU C 110 26.29 26.93 8.55
CA GLU C 110 26.46 27.81 7.38
C GLU C 110 27.94 27.99 7.05
N ASP C 111 28.75 28.25 8.07
CA ASP C 111 30.20 28.39 7.88
C ASP C 111 30.76 27.14 7.21
N LEU C 112 30.36 25.96 7.69
CA LEU C 112 30.89 24.71 7.15
C LEU C 112 30.39 24.46 5.73
N PHE C 113 29.15 24.85 5.45
CA PHE C 113 28.63 24.75 4.09
C PHE C 113 29.46 25.59 3.12
N ASN C 114 29.78 26.84 3.49
CA ASN C 114 30.62 27.66 2.64
C ASN C 114 32.00 27.05 2.51
N PHE C 115 32.55 26.56 3.61
CA PHE C 115 33.88 25.95 3.58
C PHE C 115 33.91 24.73 2.69
N CYS C 116 32.77 24.06 2.53
CA CYS C 116 32.64 22.92 1.63
C CYS C 116 32.15 23.34 0.24
N SER C 117 32.34 24.61 -0.14
CA SER C 117 31.93 25.10 -1.45
C SER C 117 30.43 24.96 -1.67
N ARG C 118 29.68 25.06 -0.57
CA ARG C 118 28.22 25.09 -0.62
C ARG C 118 27.67 23.83 -1.29
N LYS C 119 28.27 22.69 -0.93
CA LYS C 119 27.79 21.39 -1.37
C LYS C 119 28.05 20.37 -0.26
N PHE C 120 26.99 19.73 0.23
CA PHE C 120 27.11 18.64 1.18
C PHE C 120 26.73 17.32 0.53
N SER C 121 27.52 16.27 0.79
CA SER C 121 27.15 14.93 0.36
C SER C 121 25.83 14.51 1.02
N LEU C 122 25.16 13.55 0.39
CA LEU C 122 23.94 13.03 0.99
C LEU C 122 24.19 12.50 2.40
N LYS C 123 25.31 11.78 2.60
CA LYS C 123 25.61 11.24 3.91
C LYS C 123 25.70 12.34 4.96
N THR C 124 26.38 13.45 4.64
CA THR C 124 26.50 14.53 5.60
C THR C 124 25.13 15.14 5.91
N VAL C 125 24.31 15.35 4.88
CA VAL C 125 22.96 15.88 5.10
C VAL C 125 22.17 14.97 6.04
N LEU C 126 22.29 13.65 5.85
CA LEU C 126 21.54 12.70 6.67
C LEU C 126 22.09 12.57 8.08
N LEU C 127 23.43 12.63 8.23
CA LEU C 127 24.01 12.70 9.57
C LEU C 127 23.48 13.91 10.32
N LEU C 128 23.43 15.07 9.65
CA LEU C 128 22.94 16.29 10.28
C LEU C 128 21.45 16.20 10.57
N ALA C 129 20.67 15.69 9.62
CA ALA C 129 19.23 15.60 9.82
C ALA C 129 18.90 14.81 11.08
N ASP C 130 19.60 13.69 11.30
CA ASP C 130 19.28 12.86 12.44
C ASP C 130 19.49 13.63 13.73
N GLN C 131 20.59 14.37 13.83
CA GLN C 131 20.87 15.09 15.07
C GLN C 131 19.98 16.31 15.20
N MET C 132 19.73 17.03 14.10
CA MET C 132 18.94 18.25 14.19
C MET C 132 17.49 17.96 14.59
N ILE C 133 16.93 16.83 14.12
CA ILE C 133 15.58 16.47 14.57
C ILE C 133 15.58 16.24 16.07
N SER C 134 16.61 15.56 16.58
CA SER C 134 16.69 15.30 18.01
C SER C 134 16.85 16.59 18.82
N ARG C 135 17.59 17.57 18.31
CA ARG C 135 17.73 18.82 19.05
C ARG C 135 16.39 19.53 19.18
N ILE C 136 15.65 19.62 18.08
CA ILE C 136 14.34 20.27 18.08
C ILE C 136 13.39 19.53 19.01
N GLU C 137 13.42 18.19 18.96
CA GLU C 137 12.61 17.40 19.88
C GLU C 137 12.94 17.72 21.33
N TYR C 138 14.23 17.85 21.65
CA TYR C 138 14.58 18.11 23.04
C TYR C 138 14.02 19.46 23.47
N ILE C 139 14.20 20.49 22.65
CA ILE C 139 13.68 21.81 23.00
C ILE C 139 12.19 21.73 23.23
N HIS C 140 11.46 21.07 22.33
CA HIS C 140 10.02 20.93 22.49
C HIS C 140 9.68 20.18 23.77
N SER C 141 10.51 19.21 24.17
CA SER C 141 10.26 18.51 25.42
C SER C 141 10.36 19.44 26.63
N LYS C 142 11.03 20.56 26.48
CA LYS C 142 11.14 21.55 27.54
C LYS C 142 10.16 22.69 27.36
N ASN C 143 9.13 22.48 26.56
CA ASN C 143 7.96 23.36 26.43
C ASN C 143 8.24 24.61 25.63
N PHE C 144 9.35 24.67 24.91
CA PHE C 144 9.68 25.81 24.07
C PHE C 144 9.68 25.39 22.61
N ILE C 145 9.39 26.36 21.74
CA ILE C 145 9.69 26.27 20.32
C ILE C 145 10.78 27.30 20.01
N HIS C 146 11.65 26.96 19.06
CA HIS C 146 12.84 27.75 18.77
C HIS C 146 12.49 28.96 17.92
N ARG C 147 11.79 28.74 16.81
CA ARG C 147 11.22 29.74 15.92
C ARG C 147 12.25 30.45 15.03
N ASP C 148 13.50 30.02 15.02
CA ASP C 148 14.45 30.54 14.03
C ASP C 148 15.42 29.42 13.64
N VAL C 149 14.87 28.28 13.22
CA VAL C 149 15.68 27.15 12.79
C VAL C 149 16.36 27.53 11.48
N LYS C 150 17.69 27.59 11.50
CA LYS C 150 18.46 27.96 10.32
C LYS C 150 19.89 27.49 10.51
N PRO C 151 20.65 27.36 9.42
CA PRO C 151 22.02 26.82 9.54
C PRO C 151 22.91 27.59 10.48
N ASP C 152 22.75 28.92 10.57
CA ASP C 152 23.55 29.74 11.47
C ASP C 152 23.34 29.40 12.94
N ASN C 153 22.24 28.74 13.29
CA ASN C 153 21.96 28.47 14.70
C ASN C 153 22.26 27.04 15.09
N PHE C 154 22.95 26.29 14.23
CA PHE C 154 23.48 24.97 14.58
C PHE C 154 25.00 25.03 14.44
N LEU C 155 25.68 24.66 15.51
CA LEU C 155 27.13 24.72 15.57
C LEU C 155 27.66 23.35 15.96
N MET C 156 28.75 22.95 15.33
CA MET C 156 29.42 21.73 15.74
C MET C 156 30.19 22.00 17.03
N GLY C 157 30.36 20.96 17.83
CA GLY C 157 31.25 21.08 18.97
C GLY C 157 32.71 21.15 18.51
N LEU C 158 33.58 21.45 19.47
CA LEU C 158 35.03 21.43 19.29
C LEU C 158 35.61 20.22 20.01
N GLY C 159 36.74 19.74 19.51
CA GLY C 159 37.50 18.72 20.22
C GLY C 159 36.74 17.41 20.32
N LYS C 160 36.61 16.91 21.55
CA LYS C 160 35.91 15.64 21.75
C LYS C 160 34.44 15.74 21.36
N LYS C 161 33.90 16.94 21.26
CA LYS C 161 32.50 17.14 20.92
C LYS C 161 32.30 17.48 19.45
N GLY C 162 33.34 17.27 18.62
CA GLY C 162 33.29 17.63 17.22
C GLY C 162 32.32 16.80 16.38
N ASN C 163 31.81 15.69 16.92
N ASN C 163 31.80 15.69 16.90
CA ASN C 163 30.81 14.86 16.28
CA ASN C 163 30.80 14.92 16.17
C ASN C 163 29.38 15.33 16.52
C ASN C 163 29.38 15.28 16.57
N LEU C 164 29.20 16.31 17.40
CA LEU C 164 27.91 16.67 17.95
C LEU C 164 27.45 18.01 17.40
N VAL C 165 26.24 18.02 16.85
CA VAL C 165 25.56 19.24 16.42
C VAL C 165 24.87 19.87 17.62
N TYR C 166 25.18 21.15 17.86
CA TYR C 166 24.53 21.93 18.92
C TYR C 166 23.51 22.88 18.32
N ILE C 167 22.50 23.23 19.10
CA ILE C 167 21.56 24.27 18.73
C ILE C 167 21.72 25.43 19.70
N ILE C 168 21.64 26.65 19.17
CA ILE C 168 21.91 27.86 19.93
C ILE C 168 20.86 28.92 19.63
N ASP C 169 20.88 29.95 20.47
CA ASP C 169 20.15 31.21 20.33
C ASP C 169 18.67 31.05 20.59
N PHE C 170 18.25 31.35 21.81
CA PHE C 170 16.85 31.30 22.19
C PHE C 170 16.26 32.68 22.35
N GLY C 171 16.86 33.67 21.70
CA GLY C 171 16.33 35.03 21.76
C GLY C 171 14.96 35.19 21.12
N LEU C 172 14.60 34.32 20.17
CA LEU C 172 13.27 34.36 19.56
C LEU C 172 12.38 33.22 20.04
N ALA C 173 12.87 32.37 20.93
CA ALA C 173 12.12 31.22 21.42
C ALA C 173 10.95 31.68 22.27
N LYS C 174 9.96 30.79 22.39
CA LYS C 174 8.72 31.10 23.08
C LYS C 174 8.18 29.81 23.69
N LYS C 175 7.56 29.93 24.85
CA LYS C 175 6.87 28.79 25.43
C LYS C 175 5.58 28.53 24.67
N TYR C 176 5.39 27.28 24.24
CA TYR C 176 4.23 26.88 23.45
C TYR C 176 3.22 26.09 24.26
N ARG C 177 3.50 25.81 25.53
CA ARG C 177 2.54 25.12 26.38
C ARG C 177 2.91 25.37 27.82
N ASP C 178 1.89 25.30 28.68
CA ASP C 178 2.08 25.41 30.11
C ASP C 178 2.97 24.28 30.62
N ALA C 179 3.90 24.62 31.52
CA ALA C 179 4.91 23.68 31.97
C ALA C 179 4.32 22.51 32.74
N ARG C 180 3.17 22.71 33.39
CA ARG C 180 2.55 21.66 34.17
C ARG C 180 1.35 21.05 33.47
N THR C 181 0.42 21.89 33.01
CA THR C 181 -0.80 21.38 32.38
C THR C 181 -0.57 20.93 30.95
N HIS C 182 0.48 21.42 30.30
CA HIS C 182 0.74 21.19 28.88
C HIS C 182 -0.35 21.77 28.00
N GLN C 183 -1.11 22.74 28.53
CA GLN C 183 -2.08 23.51 27.76
C GLN C 183 -1.40 24.25 26.62
N HIS C 184 -1.62 23.81 25.39
CA HIS C 184 -1.01 24.47 24.23
C HIS C 184 -1.45 25.93 24.16
N ILE C 185 -0.57 26.79 23.67
CA ILE C 185 -0.93 28.20 23.45
C ILE C 185 -2.06 28.25 22.43
N PRO C 186 -2.91 29.27 22.45
CA PRO C 186 -4.05 29.28 21.52
C PRO C 186 -3.63 29.59 20.10
N TYR C 187 -4.48 29.17 19.17
CA TYR C 187 -4.33 29.52 17.77
C TYR C 187 -4.47 31.03 17.61
N ARG C 188 -3.56 31.65 16.85
CA ARG C 188 -3.62 33.08 16.62
C ARG C 188 -3.29 33.34 15.16
N GLU C 189 -3.85 34.42 14.63
CA GLU C 189 -3.64 34.87 13.26
C GLU C 189 -3.02 36.26 13.27
N ASN C 190 -2.74 36.76 12.06
CA ASN C 190 -2.24 38.12 11.86
C ASN C 190 -0.96 38.39 12.64
N LYS C 191 -0.11 37.38 12.76
CA LYS C 191 1.20 37.51 13.39
C LYS C 191 2.22 37.98 12.36
N ASN C 192 3.23 38.69 12.83
CA ASN C 192 4.35 39.08 11.99
C ASN C 192 5.36 37.93 11.91
N LEU C 193 6.31 38.05 10.99
CA LEU C 193 7.27 37.00 10.76
C LEU C 193 8.35 37.03 11.84
N THR C 194 8.45 35.94 12.60
CA THR C 194 9.45 35.78 13.66
C THR C 194 10.48 34.77 13.17
N GLY C 195 11.62 35.28 12.73
CA GLY C 195 12.70 34.43 12.25
C GLY C 195 13.16 34.85 10.86
N THR C 196 13.73 33.91 10.12
CA THR C 196 14.24 34.18 8.78
C THR C 196 13.21 33.79 7.73
N ALA C 197 13.03 34.66 6.74
CA ALA C 197 12.02 34.40 5.72
C ALA C 197 12.40 33.20 4.87
N ARG C 198 13.70 32.99 4.63
CA ARG C 198 14.13 31.93 3.73
C ARG C 198 13.66 30.57 4.20
N TYR C 199 13.71 30.33 5.51
CA TYR C 199 13.37 29.03 6.05
C TYR C 199 12.03 29.00 6.77
N ALA C 200 11.30 30.10 6.79
CA ALA C 200 10.03 30.15 7.49
C ALA C 200 9.00 29.20 6.87
N SER C 201 8.15 28.65 7.74
CA SER C 201 7.07 27.77 7.30
C SER C 201 6.02 28.54 6.51
N ILE C 202 5.28 27.80 5.68
CA ILE C 202 4.18 28.43 4.95
C ILE C 202 3.20 29.06 5.92
N ASN C 203 2.86 28.35 7.00
CA ASN C 203 1.92 28.89 7.98
C ASN C 203 2.44 30.18 8.61
N THR C 204 3.76 30.30 8.78
CA THR C 204 4.30 31.56 9.26
C THR C 204 4.09 32.65 8.23
N HIS C 205 4.28 32.34 6.95
CA HIS C 205 4.00 33.34 5.91
C HIS C 205 2.53 33.74 5.93
N LEU C 206 1.66 32.83 6.31
CA LEU C 206 0.24 33.16 6.39
C LEU C 206 -0.11 33.95 7.65
N GLY C 207 0.83 34.17 8.55
CA GLY C 207 0.57 34.92 9.76
C GLY C 207 0.07 34.10 10.92
N ILE C 208 0.19 32.78 10.86
CA ILE C 208 -0.31 31.91 11.91
C ILE C 208 0.72 31.78 13.03
N GLU C 209 0.23 31.70 14.26
CA GLU C 209 1.09 31.45 15.41
C GLU C 209 1.96 30.21 15.17
N GLN C 210 3.26 30.35 15.44
CA GLN C 210 4.17 29.22 15.29
C GLN C 210 3.96 28.19 16.40
N SER C 211 4.13 26.92 16.04
CA SER C 211 4.06 25.81 16.98
C SER C 211 5.13 24.80 16.59
N ARG C 212 5.07 23.61 17.19
CA ARG C 212 6.15 22.65 17.03
C ARG C 212 6.37 22.31 15.57
N ARG C 213 5.27 22.16 14.82
CA ARG C 213 5.38 21.77 13.42
C ARG C 213 6.25 22.75 12.63
N ASP C 214 6.20 24.03 12.96
CA ASP C 214 6.89 25.01 12.14
C ASP C 214 8.40 24.93 12.32
N ASP C 215 8.87 24.57 13.52
CA ASP C 215 10.31 24.30 13.70
C ASP C 215 10.76 23.17 12.78
N LEU C 216 9.93 22.12 12.65
CA LEU C 216 10.31 20.98 11.82
C LEU C 216 10.18 21.27 10.33
N GLU C 217 9.19 22.06 9.91
CA GLU C 217 9.10 22.42 8.50
C GLU C 217 10.32 23.25 8.10
N SER C 218 10.73 24.19 8.95
CA SER C 218 11.93 24.98 8.68
C SER C 218 13.15 24.07 8.50
N LEU C 219 13.32 23.08 9.39
CA LEU C 219 14.41 22.14 9.23
C LEU C 219 14.36 21.48 7.86
N GLY C 220 13.15 21.15 7.39
CA GLY C 220 13.01 20.54 6.07
C GLY C 220 13.54 21.43 4.96
N TYR C 221 13.29 22.73 5.06
CA TYR C 221 13.85 23.65 4.08
C TYR C 221 15.36 23.76 4.25
N VAL C 222 15.85 23.70 5.50
CA VAL C 222 17.29 23.74 5.73
C VAL C 222 17.96 22.55 5.06
N LEU C 223 17.37 21.35 5.21
CA LEU C 223 17.99 20.18 4.60
C LEU C 223 18.00 20.28 3.07
N MET C 224 16.91 20.76 2.46
CA MET C 224 16.90 20.89 1.00
C MET C 224 17.84 22.01 0.54
N TYR C 225 18.00 23.07 1.35
CA TYR C 225 19.03 24.07 1.09
C TYR C 225 20.42 23.44 1.04
N PHE C 226 20.72 22.53 1.96
CA PHE C 226 22.01 21.85 1.94
C PHE C 226 22.14 21.00 0.68
N ASN C 227 21.05 20.34 0.28
CA ASN C 227 21.08 19.49 -0.91
C ASN C 227 21.30 20.29 -2.17
N LEU C 228 20.68 21.47 -2.25
CA LEU C 228 20.63 22.27 -3.48
C LEU C 228 21.72 23.34 -3.56
N GLY C 229 22.17 23.86 -2.42
CA GLY C 229 23.04 25.02 -2.39
C GLY C 229 22.29 26.33 -2.28
N SER C 230 20.98 26.32 -2.51
CA SER C 230 20.13 27.48 -2.37
C SER C 230 18.70 27.01 -2.55
N LEU C 231 17.77 27.85 -2.16
CA LEU C 231 16.35 27.54 -2.31
C LEU C 231 15.75 28.38 -3.42
N PRO C 232 14.72 27.88 -4.09
CA PRO C 232 14.22 28.57 -5.28
C PRO C 232 13.60 29.92 -4.97
N TRP C 233 13.36 30.25 -3.70
CA TRP C 233 12.83 31.57 -3.35
C TRP C 233 13.93 32.51 -2.89
N GLN C 234 15.20 32.15 -3.08
CA GLN C 234 16.33 33.05 -2.85
C GLN C 234 16.60 33.92 -4.07
N GLY C 235 16.97 35.18 -3.80
CA GLY C 235 17.39 36.09 -4.85
C GLY C 235 16.32 36.40 -5.87
N LEU C 236 15.14 36.81 -5.41
CA LEU C 236 14.04 37.14 -6.31
C LEU C 236 14.01 38.63 -6.62
N LYS C 244 9.40 42.06 -0.27
CA LYS C 244 10.33 40.96 -0.52
C LYS C 244 9.82 39.68 0.11
N TYR C 245 9.44 39.74 1.39
CA TYR C 245 8.78 38.60 2.02
C TYR C 245 7.59 38.14 1.20
N GLU C 246 6.82 39.09 0.65
CA GLU C 246 5.68 38.73 -0.17
C GLU C 246 6.10 37.82 -1.32
N ARG C 247 7.14 38.22 -2.04
CA ARG C 247 7.64 37.40 -3.16
C ARG C 247 8.09 36.02 -2.68
N ILE C 248 8.77 35.98 -1.54
CA ILE C 248 9.22 34.70 -1.00
C ILE C 248 8.02 33.83 -0.64
N SER C 249 7.03 34.39 0.05
CA SER C 249 5.83 33.64 0.40
C SER C 249 5.16 33.06 -0.85
N GLU C 250 4.95 33.90 -1.86
CA GLU C 250 4.25 33.43 -3.05
C GLU C 250 5.05 32.35 -3.77
N LYS C 251 6.36 32.54 -3.89
CA LYS C 251 7.22 31.53 -4.50
C LYS C 251 7.16 30.23 -3.73
N LYS C 252 7.19 30.30 -2.40
CA LYS C 252 7.17 29.12 -1.57
C LYS C 252 5.83 28.40 -1.69
N MET C 253 4.75 29.16 -1.73
CA MET C 253 3.43 28.53 -1.81
C MET C 253 3.11 28.02 -3.21
N SER C 254 3.86 28.43 -4.23
CA SER C 254 3.63 27.97 -5.59
C SER C 254 4.69 26.96 -6.04
N THR C 255 5.59 26.55 -5.14
CA THR C 255 6.57 25.53 -5.47
C THR C 255 6.14 24.22 -4.84
N PRO C 256 5.53 23.30 -5.60
CA PRO C 256 5.15 22.00 -5.02
C PRO C 256 6.35 21.31 -4.42
N ILE C 257 6.12 20.61 -3.31
CA ILE C 257 7.18 19.89 -2.62
C ILE C 257 7.90 18.94 -3.56
N GLU C 258 7.16 18.32 -4.49
CA GLU C 258 7.78 17.38 -5.40
C GLU C 258 8.69 18.08 -6.40
N VAL C 259 8.44 19.36 -6.70
CA VAL C 259 9.33 20.14 -7.55
C VAL C 259 10.55 20.61 -6.76
N LEU C 260 10.32 21.13 -5.56
CA LEU C 260 11.43 21.53 -4.69
C LEU C 260 12.43 20.40 -4.51
N CYS C 261 11.94 19.17 -4.31
CA CYS C 261 12.80 18.04 -3.97
C CYS C 261 13.18 17.19 -5.17
N LYS C 262 12.88 17.64 -6.39
CA LYS C 262 13.20 16.87 -7.60
C LYS C 262 14.69 16.58 -7.68
N GLY C 263 15.03 15.33 -8.02
CA GLY C 263 16.41 14.92 -8.09
C GLY C 263 17.03 14.41 -6.81
N TYR C 264 16.30 14.42 -5.70
CA TYR C 264 16.82 13.98 -4.42
C TYR C 264 15.93 12.90 -3.86
N PRO C 265 16.43 12.10 -2.92
CA PRO C 265 15.64 10.97 -2.41
C PRO C 265 14.27 11.42 -1.91
N SER C 266 13.28 10.58 -2.16
CA SER C 266 11.89 10.92 -1.84
C SER C 266 11.68 11.23 -0.37
N GLU C 267 12.55 10.74 0.51
CA GLU C 267 12.34 10.97 1.93
C GLU C 267 12.31 12.46 2.24
N PHE C 268 13.07 13.27 1.50
CA PHE C 268 13.07 14.71 1.81
C PHE C 268 11.71 15.32 1.56
N ALA C 269 11.01 14.86 0.51
CA ALA C 269 9.65 15.31 0.22
C ALA C 269 8.65 14.73 1.19
N THR C 270 8.79 13.44 1.50
CA THR C 270 7.94 12.81 2.52
C THR C 270 8.02 13.56 3.84
N TYR C 271 9.24 13.95 4.24
CA TYR C 271 9.45 14.72 5.46
C TYR C 271 8.67 16.02 5.43
N LEU C 272 8.81 16.79 4.33
CA LEU C 272 8.12 18.07 4.24
C LEU C 272 6.61 17.90 4.17
N ASN C 273 6.11 16.91 3.44
CA ASN C 273 4.66 16.69 3.39
C ASN C 273 4.12 16.35 4.78
N PHE C 274 4.87 15.56 5.55
CA PHE C 274 4.45 15.24 6.91
C PHE C 274 4.35 16.51 7.75
N CYS C 275 5.35 17.40 7.67
CA CYS C 275 5.29 18.62 8.46
C CYS C 275 4.13 19.51 8.05
N ARG C 276 3.90 19.66 6.74
CA ARG C 276 2.78 20.47 6.27
C ARG C 276 1.44 19.90 6.69
N SER C 277 1.37 18.60 6.97
CA SER C 277 0.11 18.00 7.38
C SER C 277 -0.17 18.11 8.88
N LEU C 278 0.81 18.48 9.70
CA LEU C 278 0.60 18.53 11.14
C LEU C 278 -0.41 19.59 11.52
N ARG C 279 -1.27 19.26 12.46
CA ARG C 279 -2.17 20.25 13.01
C ARG C 279 -1.43 21.18 13.98
N PHE C 280 -2.09 22.31 14.28
CA PHE C 280 -1.46 23.35 15.08
C PHE C 280 -0.87 22.80 16.39
N ASP C 281 -1.65 21.99 17.11
CA ASP C 281 -1.24 21.51 18.43
C ASP C 281 -0.78 20.06 18.42
N ASP C 282 -0.55 19.47 17.24
CA ASP C 282 -0.04 18.11 17.16
C ASP C 282 1.37 18.00 17.74
N LYS C 283 1.58 16.92 18.49
CA LYS C 283 2.93 16.53 18.84
C LYS C 283 3.53 15.78 17.67
N PRO C 284 4.60 16.28 17.06
CA PRO C 284 5.18 15.58 15.90
C PRO C 284 5.70 14.21 16.28
N ASP C 285 5.63 13.28 15.32
CA ASP C 285 6.23 11.96 15.51
C ASP C 285 7.70 12.07 15.12
N TYR C 286 8.52 12.55 16.07
CA TYR C 286 9.94 12.74 15.82
C TYR C 286 10.60 11.43 15.41
N SER C 287 10.25 10.32 16.07
N SER C 287 10.26 10.32 16.08
CA SER C 287 10.89 9.04 15.78
CA SER C 287 10.88 9.03 15.78
C SER C 287 10.63 8.62 14.34
C SER C 287 10.64 8.64 14.34
N TYR C 288 9.40 8.79 13.85
CA TYR C 288 9.10 8.48 12.46
C TYR C 288 9.99 9.28 11.51
N LEU C 289 10.12 10.59 11.76
CA LEU C 289 10.91 11.42 10.85
C LEU C 289 12.37 10.99 10.84
N ARG C 290 12.94 10.71 12.02
CA ARG C 290 14.31 10.22 12.07
C ARG C 290 14.44 8.87 11.38
N GLN C 291 13.43 8.00 11.58
CA GLN C 291 13.48 6.69 10.97
C GLN C 291 13.39 6.78 9.45
N LEU C 292 12.65 7.76 8.94
CA LEU C 292 12.59 8.03 7.51
C LEU C 292 13.99 8.17 6.92
N PHE C 293 14.79 9.07 7.50
CA PHE C 293 16.13 9.30 6.99
C PHE C 293 17.06 8.15 7.34
N ARG C 294 16.85 7.49 8.49
CA ARG C 294 17.68 6.35 8.86
C ARG C 294 17.55 5.20 7.86
N ASN C 295 16.33 4.90 7.42
CA ASN C 295 16.14 3.83 6.45
C ASN C 295 16.82 4.17 5.12
N LEU C 296 16.79 5.46 4.73
CA LEU C 296 17.54 5.90 3.54
C LEU C 296 19.05 5.74 3.77
N PHE C 297 19.52 6.17 4.93
CA PHE C 297 20.93 6.03 5.30
C PHE C 297 21.40 4.60 5.08
N HIS C 298 20.59 3.64 5.54
CA HIS C 298 20.96 2.23 5.45
C HIS C 298 20.87 1.71 4.02
N ARG C 299 19.86 2.14 3.26
N ARG C 299 19.88 2.17 3.27
CA ARG C 299 19.80 1.76 1.86
CA ARG C 299 19.77 1.78 1.87
C ARG C 299 21.06 2.18 1.14
C ARG C 299 21.00 2.23 1.09
N GLN C 300 21.57 3.37 1.46
CA GLN C 300 22.80 3.87 0.85
C GLN C 300 24.05 3.16 1.35
N GLY C 301 23.94 2.35 2.40
CA GLY C 301 25.12 1.70 2.95
C GLY C 301 26.00 2.62 3.76
N PHE C 302 25.49 3.78 4.18
CA PHE C 302 26.26 4.69 5.00
C PHE C 302 26.34 4.16 6.44
N SER C 303 27.42 4.51 7.12
CA SER C 303 27.61 4.18 8.53
C SER C 303 27.57 5.44 9.38
N TYR C 304 26.99 5.31 10.57
CA TYR C 304 26.93 6.43 11.51
C TYR C 304 28.28 6.51 12.23
N ASP C 305 29.28 7.02 11.49
CA ASP C 305 30.63 7.19 12.01
C ASP C 305 31.00 8.66 12.16
N TYR C 306 30.04 9.55 11.90
CA TYR C 306 30.15 10.98 12.11
C TYR C 306 31.33 11.59 11.35
N VAL C 307 31.69 10.99 10.21
CA VAL C 307 32.70 11.54 9.30
C VAL C 307 31.96 12.44 8.31
N PHE C 308 31.95 13.74 8.62
CA PHE C 308 31.29 14.73 7.80
C PHE C 308 32.21 15.17 6.66
N ASP C 309 31.61 15.79 5.65
CA ASP C 309 32.40 16.28 4.52
C ASP C 309 33.60 17.09 4.98
N TRP C 310 33.38 18.02 5.91
CA TRP C 310 34.49 18.90 6.30
C TRP C 310 35.61 18.17 7.01
N ASN C 311 35.35 17.02 7.63
CA ASN C 311 36.41 16.23 8.25
C ASN C 311 37.39 15.68 7.24
N MET C 312 37.02 15.63 5.97
CA MET C 312 37.90 15.06 4.95
C MET C 312 38.71 16.10 4.22
N LEU C 313 38.56 17.38 4.55
CA LEU C 313 39.37 18.41 3.91
C LEU C 313 40.83 18.21 4.27
N LYS C 314 41.69 18.23 3.26
CA LYS C 314 43.12 17.97 3.45
C LYS C 314 43.87 19.28 3.55
N LEU D 23 -44.23 -48.44 8.84
CA LEU D 23 -44.22 -47.01 8.57
C LEU D 23 -44.16 -46.18 9.85
N ARG D 24 -44.60 -46.76 10.97
CA ARG D 24 -44.52 -46.06 12.26
C ARG D 24 -43.08 -46.07 12.77
N VAL D 25 -42.66 -44.95 13.34
CA VAL D 25 -41.31 -44.79 13.88
C VAL D 25 -41.35 -43.94 15.14
N GLY D 26 -40.69 -44.41 16.20
CA GLY D 26 -40.62 -43.65 17.43
C GLY D 26 -41.96 -43.26 18.02
N ASN D 27 -43.01 -44.04 17.73
CA ASN D 27 -44.34 -43.84 18.31
C ASN D 27 -45.15 -42.73 17.66
N ARG D 28 -44.51 -41.61 17.31
CA ARG D 28 -45.23 -40.43 16.84
C ARG D 28 -44.81 -39.98 15.45
N TYR D 29 -43.89 -40.68 14.80
CA TYR D 29 -43.38 -40.29 13.50
C TYR D 29 -43.84 -41.29 12.47
N ARG D 30 -44.19 -40.79 11.29
CA ARG D 30 -44.58 -41.62 10.17
C ARG D 30 -43.51 -41.51 9.10
N LEU D 31 -42.89 -42.63 8.72
CA LEU D 31 -41.87 -42.61 7.69
C LEU D 31 -42.52 -42.44 6.32
N GLY D 32 -42.00 -41.49 5.55
CA GLY D 32 -42.46 -41.24 4.20
C GLY D 32 -41.54 -41.87 3.18
N ARG D 33 -41.41 -41.20 2.04
CA ARG D 33 -40.61 -41.73 0.95
C ARG D 33 -39.13 -41.32 1.08
N LYS D 34 -38.25 -42.17 0.58
CA LYS D 34 -36.82 -41.86 0.56
C LYS D 34 -36.56 -40.67 -0.35
N ILE D 35 -35.71 -39.75 0.12
CA ILE D 35 -35.38 -38.58 -0.69
C ILE D 35 -33.93 -38.54 -1.11
N GLY D 36 -33.07 -39.37 -0.52
CA GLY D 36 -31.69 -39.45 -0.98
C GLY D 36 -30.82 -40.13 0.07
N SER D 37 -29.51 -39.91 -0.06
CA SER D 37 -28.55 -40.48 0.86
C SER D 37 -27.54 -39.42 1.25
N GLY D 38 -27.06 -39.51 2.49
CA GLY D 38 -25.93 -38.73 2.93
C GLY D 38 -24.63 -39.48 2.70
N SER D 39 -23.56 -38.95 3.31
CA SER D 39 -22.28 -39.66 3.25
C SER D 39 -22.43 -41.09 3.74
N PHE D 40 -23.43 -41.33 4.59
CA PHE D 40 -23.84 -42.66 5.01
C PHE D 40 -25.31 -42.61 5.37
N GLY D 41 -25.99 -43.75 5.25
CA GLY D 41 -27.39 -43.82 5.58
C GLY D 41 -28.28 -43.20 4.51
N ASP D 42 -29.60 -43.35 4.71
CA ASP D 42 -30.60 -42.83 3.79
C ASP D 42 -31.49 -41.83 4.51
N ILE D 43 -31.94 -40.82 3.76
CA ILE D 43 -32.79 -39.75 4.28
C ILE D 43 -34.20 -39.96 3.75
N TYR D 44 -35.18 -39.89 4.64
CA TYR D 44 -36.59 -40.03 4.29
C TYR D 44 -37.38 -38.79 4.71
N LEU D 45 -38.44 -38.50 3.95
CA LEU D 45 -39.42 -37.57 4.46
C LEU D 45 -40.28 -38.29 5.48
N GLY D 46 -40.85 -37.51 6.40
CA GLY D 46 -41.72 -38.07 7.41
C GLY D 46 -42.60 -36.99 7.95
N THR D 47 -43.50 -37.40 8.83
CA THR D 47 -44.42 -36.50 9.50
C THR D 47 -44.36 -36.76 10.99
N ASP D 48 -44.18 -35.69 11.78
CA ASP D 48 -44.41 -35.73 13.22
C ASP D 48 -45.92 -35.64 13.42
N ILE D 49 -46.55 -36.80 13.64
CA ILE D 49 -48.01 -36.91 13.75
C ILE D 49 -48.56 -36.04 14.89
N ALA D 50 -47.87 -36.04 16.02
CA ALA D 50 -48.39 -35.33 17.19
C ALA D 50 -48.32 -33.82 17.02
N ALA D 51 -47.29 -33.33 16.32
CA ALA D 51 -47.09 -31.89 16.12
C ALA D 51 -47.60 -31.37 14.78
N GLY D 52 -47.99 -32.24 13.86
CA GLY D 52 -48.45 -31.80 12.56
C GLY D 52 -47.37 -31.05 11.79
N GLU D 53 -46.18 -31.65 11.68
CA GLU D 53 -45.04 -31.04 11.02
C GLU D 53 -44.30 -32.13 10.26
N GLU D 54 -43.88 -31.80 9.03
CA GLU D 54 -43.01 -32.67 8.27
C GLU D 54 -41.61 -32.67 8.87
N VAL D 55 -40.91 -33.80 8.75
CA VAL D 55 -39.57 -33.97 9.31
C VAL D 55 -38.70 -34.73 8.33
N ALA D 56 -37.39 -34.70 8.57
CA ALA D 56 -36.46 -35.57 7.89
C ALA D 56 -36.08 -36.69 8.81
N ILE D 57 -36.04 -37.91 8.28
CA ILE D 57 -35.73 -39.09 9.08
C ILE D 57 -34.56 -39.81 8.42
N LYS D 58 -33.46 -39.95 9.14
CA LYS D 58 -32.28 -40.64 8.65
C LYS D 58 -32.25 -42.03 9.24
N LEU D 59 -32.08 -43.03 8.38
CA LEU D 59 -32.07 -44.43 8.78
C LEU D 59 -30.72 -45.05 8.50
N GLU D 60 -30.32 -45.97 9.38
CA GLU D 60 -29.10 -46.74 9.20
C GLU D 60 -29.36 -48.17 9.63
N CYS D 61 -29.16 -49.11 8.72
CA CYS D 61 -29.36 -50.52 9.05
C CYS D 61 -28.45 -50.90 10.21
N VAL D 62 -29.04 -51.48 11.26
CA VAL D 62 -28.26 -51.88 12.43
C VAL D 62 -27.20 -52.91 12.07
N LYS D 63 -27.34 -53.60 10.95
CA LYS D 63 -26.41 -54.65 10.55
C LYS D 63 -25.47 -54.11 9.46
N THR D 64 -24.60 -53.19 9.87
CA THR D 64 -23.56 -52.66 9.00
C THR D 64 -22.23 -52.63 9.75
N LYS D 65 -21.14 -52.71 8.99
CA LYS D 65 -19.82 -52.86 9.60
C LYS D 65 -19.42 -51.59 10.35
N HIS D 66 -19.59 -50.43 9.73
CA HIS D 66 -19.12 -49.17 10.30
C HIS D 66 -20.29 -48.32 10.77
N PRO D 67 -20.86 -48.59 11.94
CA PRO D 67 -21.96 -47.75 12.44
C PRO D 67 -21.49 -46.32 12.64
N GLN D 68 -22.29 -45.38 12.13
CA GLN D 68 -21.94 -43.95 12.18
C GLN D 68 -23.04 -43.07 12.72
N LEU D 69 -24.30 -43.52 12.70
CA LEU D 69 -25.41 -42.62 13.00
C LEU D 69 -25.36 -42.16 14.44
N HIS D 70 -25.04 -43.07 15.37
CA HIS D 70 -24.99 -42.65 16.76
C HIS D 70 -23.87 -41.64 16.97
N ILE D 71 -22.75 -41.84 16.27
CA ILE D 71 -21.66 -40.86 16.32
C ILE D 71 -22.13 -39.53 15.77
N GLU D 72 -22.81 -39.56 14.61
CA GLU D 72 -23.22 -38.31 13.97
C GLU D 72 -24.23 -37.55 14.82
N SER D 73 -25.17 -38.27 15.45
CA SER D 73 -26.18 -37.58 16.27
C SER D 73 -25.53 -36.89 17.46
N LYS D 74 -24.47 -37.47 18.01
CA LYS D 74 -23.71 -36.81 19.07
C LYS D 74 -23.17 -35.47 18.57
N ILE D 75 -22.70 -35.41 17.32
CA ILE D 75 -22.18 -34.16 16.81
C ILE D 75 -23.30 -33.15 16.61
N TYR D 76 -24.44 -33.59 16.06
CA TYR D 76 -25.58 -32.69 15.93
C TYR D 76 -26.04 -32.17 17.29
N LYS D 77 -26.18 -33.07 18.26
CA LYS D 77 -26.67 -32.64 19.56
C LYS D 77 -25.73 -31.60 20.15
N MET D 78 -24.43 -31.80 19.96
CA MET D 78 -23.45 -30.85 20.48
C MET D 78 -23.52 -29.51 19.75
N MET D 79 -23.95 -29.50 18.48
CA MET D 79 -24.07 -28.29 17.68
C MET D 79 -25.40 -27.57 17.85
N GLN D 80 -26.35 -28.15 18.59
CA GLN D 80 -27.68 -27.58 18.65
C GLN D 80 -27.65 -26.12 19.09
N GLY D 81 -28.66 -25.37 18.67
CA GLY D 81 -28.74 -23.95 18.94
C GLY D 81 -27.86 -23.10 18.06
N GLY D 82 -26.87 -23.67 17.38
CA GLY D 82 -26.12 -22.91 16.41
C GLY D 82 -27.00 -22.51 15.23
N VAL D 83 -26.79 -21.29 14.75
CA VAL D 83 -27.52 -20.83 13.58
C VAL D 83 -27.18 -21.75 12.41
N GLY D 84 -28.21 -22.22 11.71
CA GLY D 84 -28.00 -23.02 10.53
C GLY D 84 -27.57 -24.45 10.78
N ILE D 85 -27.77 -24.95 11.98
CA ILE D 85 -27.60 -26.36 12.32
C ILE D 85 -28.99 -26.98 12.44
N PRO D 86 -29.30 -28.04 11.71
CA PRO D 86 -30.65 -28.61 11.83
C PRO D 86 -30.90 -29.12 13.24
N THR D 87 -32.13 -28.91 13.71
CA THR D 87 -32.52 -29.34 15.04
C THR D 87 -32.84 -30.82 15.03
N ILE D 88 -32.34 -31.52 16.04
CA ILE D 88 -32.54 -32.96 16.17
C ILE D 88 -33.72 -33.18 17.09
N ARG D 89 -34.72 -33.91 16.62
CA ARG D 89 -35.98 -34.08 17.36
C ARG D 89 -36.07 -35.40 18.11
N TRP D 90 -35.43 -36.45 17.62
CA TRP D 90 -35.53 -37.74 18.29
C TRP D 90 -34.43 -38.67 17.78
N CYS D 91 -33.88 -39.47 18.68
CA CYS D 91 -32.98 -40.57 18.34
C CYS D 91 -33.45 -41.84 19.00
N GLY D 92 -33.25 -42.95 18.30
CA GLY D 92 -33.54 -44.25 18.87
C GLY D 92 -33.37 -45.33 17.82
N ALA D 93 -34.00 -46.47 18.09
CA ALA D 93 -33.95 -47.63 17.22
C ALA D 93 -35.37 -48.06 16.91
N GLU D 94 -35.55 -48.66 15.74
CA GLU D 94 -36.83 -49.21 15.32
C GLU D 94 -36.54 -50.40 14.43
N GLY D 95 -36.98 -51.57 14.87
CA GLY D 95 -36.73 -52.80 14.13
C GLY D 95 -35.28 -52.98 13.78
N ASP D 96 -34.98 -53.06 12.48
CA ASP D 96 -33.64 -53.30 11.98
C ASP D 96 -32.84 -52.02 11.75
N TYR D 97 -33.31 -50.88 12.27
CA TYR D 97 -32.73 -49.58 11.92
C TYR D 97 -32.48 -48.76 13.18
N ASN D 98 -31.38 -48.00 13.13
CA ASN D 98 -31.18 -46.85 13.98
C ASN D 98 -31.77 -45.62 13.28
N VAL D 99 -32.30 -44.70 14.09
CA VAL D 99 -33.15 -43.63 13.57
C VAL D 99 -32.73 -42.29 14.16
N MET D 100 -32.70 -41.28 13.30
CA MET D 100 -32.48 -39.90 13.71
C MET D 100 -33.47 -39.01 12.99
N VAL D 101 -34.37 -38.39 13.76
CA VAL D 101 -35.41 -37.53 13.21
C VAL D 101 -34.98 -36.07 13.39
N MET D 102 -35.01 -35.31 12.31
CA MET D 102 -34.54 -33.93 12.28
C MET D 102 -35.63 -33.01 11.74
N GLU D 103 -35.47 -31.72 12.05
CA GLU D 103 -36.16 -30.66 11.32
C GLU D 103 -36.01 -30.86 9.82
N LEU D 104 -37.11 -30.72 9.08
CA LEU D 104 -37.03 -30.84 7.63
C LEU D 104 -36.44 -29.56 7.04
N LEU D 105 -35.45 -29.74 6.18
CA LEU D 105 -34.85 -28.61 5.49
C LEU D 105 -35.31 -28.60 4.04
N GLY D 106 -34.93 -27.53 3.36
CA GLY D 106 -35.29 -27.32 1.98
C GLY D 106 -34.27 -27.89 1.02
N PRO D 107 -34.27 -27.39 -0.23
CA PRO D 107 -33.34 -27.90 -1.24
C PRO D 107 -31.89 -27.54 -0.91
N SER D 108 -30.98 -28.37 -1.41
CA SER D 108 -29.55 -28.11 -1.33
C SER D 108 -29.14 -27.02 -2.32
N LEU D 109 -27.97 -26.44 -2.10
CA LEU D 109 -27.50 -25.40 -3.01
C LEU D 109 -27.20 -25.97 -4.38
N GLU D 110 -26.79 -27.25 -4.47
CA GLU D 110 -26.63 -27.87 -5.78
C GLU D 110 -27.98 -27.98 -6.48
N ASP D 111 -29.02 -28.42 -5.76
CA ASP D 111 -30.35 -28.49 -6.34
C ASP D 111 -30.78 -27.13 -6.88
N LEU D 112 -30.62 -26.08 -6.07
CA LEU D 112 -31.02 -24.73 -6.47
C LEU D 112 -30.15 -24.21 -7.60
N PHE D 113 -28.87 -24.57 -7.63
CA PHE D 113 -28.00 -24.18 -8.74
C PHE D 113 -28.53 -24.75 -10.06
N ASN D 114 -28.91 -26.03 -10.06
CA ASN D 114 -29.47 -26.61 -11.27
C ASN D 114 -30.79 -25.95 -11.63
N PHE D 115 -31.62 -25.67 -10.62
CA PHE D 115 -32.93 -25.08 -10.89
C PHE D 115 -32.78 -23.69 -11.48
N CYS D 116 -31.68 -23.02 -11.17
CA CYS D 116 -31.32 -21.70 -11.73
C CYS D 116 -30.45 -21.82 -12.98
N SER D 117 -30.46 -22.98 -13.64
CA SER D 117 -29.71 -23.18 -14.88
C SER D 117 -28.21 -23.04 -14.68
N ARG D 118 -27.74 -23.44 -13.49
CA ARG D 118 -26.31 -23.47 -13.21
C ARG D 118 -25.69 -22.09 -13.40
N LYS D 119 -26.42 -21.07 -12.97
CA LYS D 119 -25.92 -19.70 -12.98
C LYS D 119 -26.49 -18.96 -11.78
N PHE D 120 -25.60 -18.46 -10.91
CA PHE D 120 -25.99 -17.59 -9.81
C PHE D 120 -25.51 -16.16 -10.04
N SER D 121 -26.35 -15.18 -9.73
CA SER D 121 -25.93 -13.79 -9.76
C SER D 121 -24.83 -13.54 -8.72
N LEU D 122 -24.05 -12.47 -8.93
CA LEU D 122 -23.03 -12.11 -7.94
C LEU D 122 -23.67 -11.94 -6.57
N LYS D 123 -24.83 -11.27 -6.50
CA LYS D 123 -25.47 -11.03 -5.22
C LYS D 123 -25.78 -12.35 -4.49
N THR D 124 -26.32 -13.32 -5.22
CA THR D 124 -26.63 -14.61 -4.60
C THR D 124 -25.36 -15.30 -4.10
N VAL D 125 -24.29 -15.31 -4.91
CA VAL D 125 -23.04 -15.91 -4.47
C VAL D 125 -22.55 -15.24 -3.19
N LEU D 126 -22.65 -13.91 -3.12
CA LEU D 126 -22.19 -13.17 -1.95
C LEU D 126 -23.11 -13.34 -0.76
N LEU D 127 -24.44 -13.40 -0.97
CA LEU D 127 -25.33 -13.74 0.14
C LEU D 127 -24.94 -15.09 0.72
N LEU D 128 -24.68 -16.07 -0.15
CA LEU D 128 -24.31 -17.41 0.30
C LEU D 128 -22.97 -17.43 1.00
N ALA D 129 -21.96 -16.75 0.43
CA ALA D 129 -20.63 -16.78 1.01
C ALA D 129 -20.65 -16.29 2.45
N ASP D 130 -21.41 -15.23 2.73
CA ASP D 130 -21.42 -14.66 4.06
C ASP D 130 -21.90 -15.67 5.09
N GLN D 131 -22.99 -16.37 4.75
CA GLN D 131 -23.53 -17.34 5.69
C GLN D 131 -22.69 -18.59 5.74
N MET D 132 -22.14 -19.02 4.59
CA MET D 132 -21.36 -20.26 4.59
C MET D 132 -20.08 -20.12 5.40
N ILE D 133 -19.45 -18.95 5.37
CA ILE D 133 -18.27 -18.74 6.21
C ILE D 133 -18.67 -18.85 7.68
N SER D 134 -19.82 -18.27 8.04
CA SER D 134 -20.27 -18.33 9.43
C SER D 134 -20.58 -19.76 9.86
N ARG D 135 -21.16 -20.57 8.99
CA ARG D 135 -21.47 -21.94 9.38
C ARG D 135 -20.19 -22.69 9.68
N ILE D 136 -19.18 -22.53 8.84
CA ILE D 136 -17.91 -23.20 9.03
C ILE D 136 -17.24 -22.69 10.31
N GLU D 137 -17.28 -21.37 10.52
CA GLU D 137 -16.75 -20.83 11.76
C GLU D 137 -17.42 -21.47 12.97
N TYR D 138 -18.74 -21.66 12.91
CA TYR D 138 -19.42 -22.21 14.05
C TYR D 138 -18.97 -23.63 14.34
N ILE D 139 -18.93 -24.47 13.31
CA ILE D 139 -18.47 -25.86 13.51
C ILE D 139 -17.08 -25.85 14.13
N HIS D 140 -16.19 -25.02 13.59
CA HIS D 140 -14.83 -24.95 14.11
C HIS D 140 -14.81 -24.50 15.57
N SER D 141 -15.69 -23.57 15.94
CA SER D 141 -15.76 -23.16 17.34
C SER D 141 -16.16 -24.31 18.24
N LYS D 142 -16.78 -25.35 17.68
CA LYS D 142 -17.14 -26.53 18.42
C LYS D 142 -16.13 -27.66 18.24
N ASN D 143 -14.92 -27.35 17.78
CA ASN D 143 -13.76 -28.24 17.77
C ASN D 143 -13.79 -29.29 16.67
N PHE D 144 -14.68 -29.17 15.69
CA PHE D 144 -14.76 -30.10 14.58
C PHE D 144 -14.39 -29.39 13.28
N ILE D 145 -13.86 -30.18 12.34
CA ILE D 145 -13.77 -29.78 10.93
C ILE D 145 -14.71 -30.68 10.16
N HIS D 146 -15.32 -30.10 9.12
CA HIS D 146 -16.38 -30.77 8.39
C HIS D 146 -15.80 -31.79 7.40
N ARG D 147 -14.86 -31.35 6.57
CA ARG D 147 -14.07 -32.17 5.67
C ARG D 147 -14.83 -32.62 4.42
N ASP D 148 -16.05 -32.15 4.18
CA ASP D 148 -16.72 -32.39 2.90
C ASP D 148 -17.56 -31.18 2.54
N VAL D 149 -16.93 -30.01 2.55
CA VAL D 149 -17.63 -28.78 2.18
C VAL D 149 -17.93 -28.83 0.69
N LYS D 150 -19.21 -28.85 0.35
CA LYS D 150 -19.64 -28.90 -1.04
C LYS D 150 -21.10 -28.45 -1.11
N PRO D 151 -21.58 -28.05 -2.28
CA PRO D 151 -22.96 -27.52 -2.38
C PRO D 151 -24.02 -28.48 -1.90
N ASP D 152 -23.82 -29.79 -2.08
CA ASP D 152 -24.81 -30.78 -1.62
C ASP D 152 -25.02 -30.77 -0.10
N ASN D 153 -24.09 -30.21 0.67
CA ASN D 153 -24.17 -30.25 2.13
C ASN D 153 -24.60 -28.93 2.74
N PHE D 154 -25.05 -27.99 1.92
CA PHE D 154 -25.70 -26.76 2.38
C PHE D 154 -27.12 -26.76 1.84
N LEU D 155 -28.07 -26.61 2.74
CA LEU D 155 -29.48 -26.65 2.41
C LEU D 155 -30.11 -25.39 2.96
N MET D 156 -31.03 -24.82 2.19
CA MET D 156 -31.82 -23.70 2.68
C MET D 156 -32.88 -24.24 3.62
N GLY D 157 -33.29 -23.42 4.58
CA GLY D 157 -34.44 -23.77 5.40
C GLY D 157 -35.75 -23.69 4.62
N LEU D 158 -36.81 -24.18 5.24
CA LEU D 158 -38.16 -24.06 4.72
C LEU D 158 -38.93 -23.01 5.48
N GLY D 159 -39.92 -22.42 4.81
CA GLY D 159 -40.86 -21.55 5.48
C GLY D 159 -40.19 -20.30 6.01
N LYS D 160 -40.43 -20.03 7.29
CA LYS D 160 -39.83 -18.85 7.91
C LYS D 160 -38.31 -18.92 7.94
N LYS D 161 -37.74 -20.10 7.74
CA LYS D 161 -36.29 -20.28 7.74
C LYS D 161 -35.70 -20.27 6.34
N GLY D 162 -36.47 -19.81 5.36
CA GLY D 162 -36.07 -19.87 3.96
C GLY D 162 -34.90 -18.98 3.59
N ASN D 163 -34.54 -18.01 4.43
CA ASN D 163 -33.41 -17.15 4.13
C ASN D 163 -32.12 -17.64 4.77
N LEU D 164 -32.15 -18.79 5.44
CA LEU D 164 -31.05 -19.29 6.23
C LEU D 164 -30.41 -20.48 5.53
N VAL D 165 -29.09 -20.40 5.35
CA VAL D 165 -28.30 -21.52 4.85
C VAL D 165 -27.95 -22.42 6.01
N TYR D 166 -28.31 -23.71 5.89
CA TYR D 166 -27.92 -24.73 6.87
C TYR D 166 -26.76 -25.54 6.33
N ILE D 167 -25.97 -26.09 7.25
CA ILE D 167 -24.92 -27.05 6.90
C ILE D 167 -25.28 -28.40 7.48
N ILE D 168 -24.99 -29.46 6.73
CA ILE D 168 -25.40 -30.80 7.13
C ILE D 168 -24.29 -31.82 6.87
N ASP D 169 -24.51 -32.99 7.45
CA ASP D 169 -23.74 -34.21 7.24
C ASP D 169 -22.37 -34.13 7.89
N PHE D 170 -22.26 -34.72 9.09
CA PHE D 170 -21.03 -34.78 9.84
C PHE D 170 -20.45 -36.18 9.85
N GLY D 171 -20.81 -37.00 8.85
CA GLY D 171 -20.30 -38.35 8.78
C GLY D 171 -18.81 -38.42 8.52
N LEU D 172 -18.25 -37.39 7.88
CA LEU D 172 -16.81 -37.32 7.64
C LEU D 172 -16.13 -36.31 8.54
N ALA D 173 -16.88 -35.69 9.45
CA ALA D 173 -16.32 -34.70 10.34
C ALA D 173 -15.34 -35.35 11.30
N LYS D 174 -14.47 -34.52 11.86
CA LYS D 174 -13.40 -34.98 12.74
C LYS D 174 -13.10 -33.88 13.73
N LYS D 175 -12.79 -34.27 14.97
CA LYS D 175 -12.33 -33.30 15.94
C LYS D 175 -10.90 -32.92 15.61
N TYR D 176 -10.63 -31.61 15.54
CA TYR D 176 -9.31 -31.13 15.17
C TYR D 176 -8.55 -30.58 16.37
N ARG D 177 -9.16 -30.60 17.56
CA ARG D 177 -8.48 -30.15 18.75
C ARG D 177 -9.20 -30.71 19.96
N ASP D 178 -8.45 -30.86 21.05
CA ASP D 178 -9.03 -31.24 22.33
C ASP D 178 -9.99 -30.17 22.82
N ALA D 179 -11.07 -30.59 23.49
CA ALA D 179 -12.13 -29.66 23.84
C ALA D 179 -11.68 -28.68 24.92
N ARG D 180 -10.90 -29.14 25.90
CA ARG D 180 -10.50 -28.26 26.98
C ARG D 180 -9.16 -27.60 26.71
N THR D 181 -8.18 -28.35 26.21
CA THR D 181 -6.86 -27.80 25.99
C THR D 181 -6.74 -27.07 24.66
N HIS D 182 -7.62 -27.39 23.71
CA HIS D 182 -7.51 -26.89 22.34
C HIS D 182 -6.20 -27.31 21.67
N GLN D 183 -5.55 -28.36 22.19
CA GLN D 183 -4.39 -28.97 21.56
C GLN D 183 -4.77 -29.46 20.16
N HIS D 184 -4.25 -28.77 19.14
CA HIS D 184 -4.54 -29.13 17.76
C HIS D 184 -4.07 -30.56 17.47
N ILE D 185 -4.79 -31.26 16.59
CA ILE D 185 -4.34 -32.58 16.15
C ILE D 185 -2.98 -32.43 15.47
N PRO D 186 -2.12 -33.44 15.48
CA PRO D 186 -0.77 -33.27 14.90
C PRO D 186 -0.78 -33.26 13.37
N TYR D 187 0.27 -32.65 12.83
CA TYR D 187 0.53 -32.69 11.40
C TYR D 187 0.81 -34.12 10.95
N ARG D 188 0.16 -34.54 9.86
CA ARG D 188 0.39 -35.87 9.30
C ARG D 188 0.36 -35.79 7.79
N GLU D 189 1.06 -36.74 7.16
CA GLU D 189 1.13 -36.87 5.71
C GLU D 189 0.62 -38.26 5.30
N ASN D 190 0.57 -38.47 3.98
CA ASN D 190 0.16 -39.77 3.40
C ASN D 190 -1.27 -40.13 3.78
N LYS D 191 -2.12 -39.12 3.95
CA LYS D 191 -3.53 -39.36 4.17
C LYS D 191 -4.24 -39.62 2.84
N ASN D 192 -5.19 -40.54 2.86
CA ASN D 192 -6.02 -40.76 1.69
C ASN D 192 -7.05 -39.64 1.56
N LEU D 193 -7.55 -39.46 0.34
CA LEU D 193 -8.43 -38.34 0.05
C LEU D 193 -9.80 -38.58 0.69
N THR D 194 -10.10 -37.78 1.72
CA THR D 194 -11.38 -37.86 2.43
C THR D 194 -12.27 -36.71 1.96
N GLY D 195 -13.36 -37.04 1.27
CA GLY D 195 -14.30 -36.07 0.77
C GLY D 195 -14.38 -36.10 -0.76
N THR D 196 -14.78 -34.96 -1.32
CA THR D 196 -14.96 -34.85 -2.76
C THR D 196 -13.71 -34.23 -3.40
N ALA D 197 -13.24 -34.84 -4.48
CA ALA D 197 -12.03 -34.37 -5.14
C ALA D 197 -12.25 -33.00 -5.78
N ARG D 198 -13.45 -32.75 -6.29
CA ARG D 198 -13.69 -31.49 -7.00
C ARG D 198 -13.38 -30.29 -6.12
N TYR D 199 -13.76 -30.36 -4.83
CA TYR D 199 -13.60 -29.22 -3.94
C TYR D 199 -12.47 -29.40 -2.93
N ALA D 200 -11.74 -30.49 -3.01
CA ALA D 200 -10.66 -30.76 -2.06
C ALA D 200 -9.56 -29.71 -2.16
N SER D 201 -8.98 -29.38 -1.01
CA SER D 201 -7.87 -28.45 -0.97
C SER D 201 -6.61 -29.04 -1.62
N ILE D 202 -5.75 -28.14 -2.07
CA ILE D 202 -4.45 -28.56 -2.59
C ILE D 202 -3.70 -29.37 -1.54
N ASN D 203 -3.76 -28.94 -0.28
CA ASN D 203 -3.10 -29.66 0.81
C ASN D 203 -3.64 -31.07 0.95
N THR D 204 -4.95 -31.26 0.74
CA THR D 204 -5.54 -32.59 0.77
C THR D 204 -5.03 -33.44 -0.39
N HIS D 205 -4.93 -32.85 -1.59
CA HIS D 205 -4.38 -33.61 -2.71
C HIS D 205 -2.95 -34.05 -2.44
N LEU D 206 -2.21 -33.28 -1.65
CA LEU D 206 -0.86 -33.67 -1.27
C LEU D 206 -0.83 -34.70 -0.15
N GLY D 207 -1.99 -35.08 0.39
CA GLY D 207 -2.06 -36.09 1.43
C GLY D 207 -1.89 -35.58 2.85
N ILE D 208 -1.99 -34.27 3.04
CA ILE D 208 -1.79 -33.66 4.36
C ILE D 208 -3.09 -33.71 5.14
N GLU D 209 -2.97 -33.92 6.45
CA GLU D 209 -4.12 -33.90 7.34
C GLU D 209 -4.92 -32.61 7.17
N GLN D 210 -6.24 -32.75 7.03
CA GLN D 210 -7.10 -31.57 6.92
C GLN D 210 -7.20 -30.83 8.25
N SER D 211 -7.29 -29.50 8.16
CA SER D 211 -7.52 -28.66 9.32
C SER D 211 -8.49 -27.55 8.93
N ARG D 212 -8.62 -26.54 9.78
CA ARG D 212 -9.64 -25.52 9.55
C ARG D 212 -9.46 -24.85 8.21
N ARG D 213 -8.21 -24.62 7.82
CA ARG D 213 -7.95 -23.93 6.57
C ARG D 213 -8.60 -24.66 5.39
N ASP D 214 -8.63 -25.99 5.44
CA ASP D 214 -9.08 -26.77 4.29
C ASP D 214 -10.58 -26.67 4.07
N ASP D 215 -11.37 -26.57 5.15
CA ASP D 215 -12.80 -26.32 4.99
C ASP D 215 -13.01 -24.99 4.27
N LEU D 216 -12.20 -23.99 4.59
CA LEU D 216 -12.37 -22.68 3.97
C LEU D 216 -11.84 -22.66 2.53
N GLU D 217 -10.75 -23.38 2.25
CA GLU D 217 -10.29 -23.43 0.86
C GLU D 217 -11.34 -24.10 -0.01
N SER D 218 -11.92 -25.21 0.47
CA SER D 218 -13.01 -25.86 -0.27
C SER D 218 -14.15 -24.89 -0.53
N LEU D 219 -14.53 -24.09 0.48
CA LEU D 219 -15.58 -23.12 0.23
C LEU D 219 -15.20 -22.16 -0.90
N GLY D 220 -13.91 -21.79 -0.97
CA GLY D 220 -13.46 -20.91 -2.05
C GLY D 220 -13.70 -21.50 -3.42
N TYR D 221 -13.46 -22.80 -3.56
CA TYR D 221 -13.74 -23.46 -4.83
C TYR D 221 -15.24 -23.53 -5.09
N VAL D 222 -16.04 -23.75 -4.04
CA VAL D 222 -17.48 -23.79 -4.20
C VAL D 222 -17.99 -22.45 -4.72
N LEU D 223 -17.49 -21.34 -4.16
CA LEU D 223 -17.95 -20.04 -4.63
C LEU D 223 -17.57 -19.81 -6.10
N MET D 224 -16.34 -20.17 -6.49
CA MET D 224 -15.97 -20.00 -7.90
C MET D 224 -16.74 -20.96 -8.81
N TYR D 225 -17.07 -22.15 -8.30
CA TYR D 225 -17.98 -23.06 -9.01
C TYR D 225 -19.33 -22.39 -9.28
N PHE D 226 -19.90 -21.73 -8.28
CA PHE D 226 -21.15 -21.01 -8.50
C PHE D 226 -20.97 -19.90 -9.54
N ASN D 227 -19.82 -19.22 -9.50
CA ASN D 227 -19.56 -18.16 -10.48
C ASN D 227 -19.43 -18.69 -11.89
N LEU D 228 -18.78 -19.84 -12.06
CA LEU D 228 -18.42 -20.33 -13.38
C LEU D 228 -19.40 -21.32 -13.98
N GLY D 229 -20.16 -22.04 -13.15
CA GLY D 229 -20.96 -23.16 -13.59
C GLY D 229 -20.23 -24.48 -13.55
N SER D 230 -18.91 -24.45 -13.44
CA SER D 230 -18.09 -25.64 -13.32
C SER D 230 -16.67 -25.16 -13.04
N LEU D 231 -15.80 -26.09 -12.61
CA LEU D 231 -14.40 -25.77 -12.33
C LEU D 231 -13.52 -26.41 -13.39
N PRO D 232 -12.36 -25.82 -13.68
CA PRO D 232 -11.56 -26.31 -14.81
C PRO D 232 -11.01 -27.71 -14.63
N TRP D 233 -11.09 -28.29 -13.43
CA TRP D 233 -10.64 -29.66 -13.24
C TRP D 233 -11.77 -30.67 -13.27
N GLN D 234 -12.96 -30.25 -13.72
CA GLN D 234 -14.06 -31.19 -13.96
C GLN D 234 -13.94 -31.80 -15.35
N ARG D 242 -7.48 -43.76 -8.30
CA ARG D 242 -6.10 -43.32 -8.17
C ARG D 242 -5.75 -42.34 -9.28
N GLN D 243 -5.83 -42.80 -10.52
CA GLN D 243 -5.48 -41.96 -11.66
C GLN D 243 -6.39 -40.75 -11.76
N LYS D 244 -7.65 -40.89 -11.33
CA LYS D 244 -8.60 -39.78 -11.44
C LYS D 244 -8.20 -38.63 -10.54
N TYR D 245 -7.99 -38.90 -9.25
CA TYR D 245 -7.57 -37.85 -8.32
C TYR D 245 -6.29 -37.19 -8.80
N GLU D 246 -5.34 -37.98 -9.30
CA GLU D 246 -4.07 -37.43 -9.76
C GLU D 246 -4.27 -36.34 -10.81
N ARG D 247 -5.07 -36.61 -11.83
CA ARG D 247 -5.32 -35.61 -12.87
C ARG D 247 -5.98 -34.36 -12.30
N ILE D 248 -6.96 -34.53 -11.41
CA ILE D 248 -7.58 -33.37 -10.78
C ILE D 248 -6.55 -32.60 -9.98
N SER D 249 -5.73 -33.31 -9.20
CA SER D 249 -4.68 -32.66 -8.45
C SER D 249 -3.76 -31.86 -9.38
N GLU D 250 -3.36 -32.46 -10.49
CA GLU D 250 -2.43 -31.79 -11.39
C GLU D 250 -3.05 -30.53 -11.98
N LYS D 251 -4.29 -30.63 -12.43
CA LYS D 251 -4.96 -29.46 -12.99
C LYS D 251 -5.13 -28.38 -11.95
N LYS D 252 -5.52 -28.77 -10.74
CA LYS D 252 -5.73 -27.81 -9.67
C LYS D 252 -4.43 -27.13 -9.29
N MET D 253 -3.35 -27.89 -9.22
CA MET D 253 -2.08 -27.31 -8.82
C MET D 253 -1.41 -26.52 -9.92
N SER D 254 -1.83 -26.67 -11.18
CA SER D 254 -1.26 -25.91 -12.28
C SER D 254 -2.18 -24.80 -12.76
N THR D 255 -3.31 -24.56 -12.07
CA THR D 255 -4.21 -23.47 -12.40
C THR D 255 -3.97 -22.33 -11.39
N PRO D 256 -3.22 -21.28 -11.75
CA PRO D 256 -3.00 -20.18 -10.81
C PRO D 256 -4.32 -19.56 -10.38
N ILE D 257 -4.38 -19.12 -9.12
CA ILE D 257 -5.63 -18.57 -8.61
C ILE D 257 -6.13 -17.42 -9.48
N GLU D 258 -5.21 -16.61 -10.02
CA GLU D 258 -5.62 -15.48 -10.84
C GLU D 258 -6.24 -15.92 -12.17
N VAL D 259 -5.89 -17.12 -12.66
CA VAL D 259 -6.52 -17.66 -13.87
C VAL D 259 -7.89 -18.24 -13.55
N LEU D 260 -7.97 -19.02 -12.48
CA LEU D 260 -9.25 -19.59 -12.04
C LEU D 260 -10.30 -18.51 -11.87
N CYS D 261 -9.92 -17.38 -11.29
CA CYS D 261 -10.84 -16.31 -10.93
C CYS D 261 -10.89 -15.18 -11.93
N LYS D 262 -10.26 -15.34 -13.10
CA LYS D 262 -10.24 -14.28 -14.11
C LYS D 262 -11.67 -13.96 -14.55
N GLY D 263 -11.96 -12.67 -14.67
CA GLY D 263 -13.28 -12.21 -15.04
C GLY D 263 -14.26 -11.99 -13.91
N TYR D 264 -13.86 -12.25 -12.67
CA TYR D 264 -14.71 -12.09 -11.50
C TYR D 264 -14.04 -11.17 -10.51
N PRO D 265 -14.79 -10.61 -9.57
CA PRO D 265 -14.20 -9.65 -8.63
C PRO D 265 -13.00 -10.24 -7.90
N SER D 266 -12.00 -9.39 -7.71
CA SER D 266 -10.72 -9.85 -7.14
C SER D 266 -10.90 -10.48 -5.76
N GLU D 267 -11.99 -10.19 -5.06
CA GLU D 267 -12.17 -10.72 -3.72
C GLU D 267 -12.16 -12.25 -3.72
N PHE D 268 -12.61 -12.87 -4.81
CA PHE D 268 -12.64 -14.33 -4.83
C PHE D 268 -11.22 -14.90 -4.84
N ALA D 269 -10.33 -14.24 -5.56
CA ALA D 269 -8.93 -14.66 -5.57
C ALA D 269 -8.22 -14.32 -4.25
N THR D 270 -8.47 -13.13 -3.71
CA THR D 270 -7.92 -12.76 -2.41
C THR D 270 -8.33 -13.78 -1.35
N TYR D 271 -9.60 -14.19 -1.38
CA TYR D 271 -10.10 -15.20 -0.45
C TYR D 271 -9.29 -16.49 -0.56
N LEU D 272 -9.12 -16.98 -1.78
CA LEU D 272 -8.43 -18.25 -1.99
C LEU D 272 -6.95 -18.14 -1.65
N ASN D 273 -6.30 -17.03 -2.00
CA ASN D 273 -4.89 -16.85 -1.64
C ASN D 273 -4.72 -16.83 -0.12
N PHE D 274 -5.66 -16.20 0.58
CA PHE D 274 -5.61 -16.19 2.03
C PHE D 274 -5.67 -17.60 2.59
N CYS D 275 -6.57 -18.44 2.07
CA CYS D 275 -6.70 -19.79 2.60
C CYS D 275 -5.47 -20.62 2.32
N ARG D 276 -4.91 -20.49 1.12
CA ARG D 276 -3.71 -21.23 0.76
C ARG D 276 -2.51 -20.79 1.60
N SER D 277 -2.55 -19.60 2.19
CA SER D 277 -1.44 -19.10 3.01
C SER D 277 -1.55 -19.53 4.48
N LEU D 278 -2.69 -20.04 4.91
CA LEU D 278 -2.86 -20.41 6.31
C LEU D 278 -1.94 -21.57 6.68
N ARG D 279 -1.37 -21.47 7.87
CA ARG D 279 -0.61 -22.58 8.42
C ARG D 279 -1.56 -23.65 8.94
N PHE D 280 -1.00 -24.84 9.15
CA PHE D 280 -1.79 -26.02 9.52
C PHE D 280 -2.71 -25.76 10.70
N ASP D 281 -2.18 -25.16 11.77
CA ASP D 281 -2.96 -24.99 13.00
C ASP D 281 -3.44 -23.55 13.20
N ASP D 282 -3.35 -22.71 12.17
CA ASP D 282 -3.83 -21.34 12.28
C ASP D 282 -5.33 -21.30 12.50
N LYS D 283 -5.75 -20.41 13.39
CA LYS D 283 -7.15 -20.03 13.47
C LYS D 283 -7.45 -19.03 12.36
N PRO D 284 -8.30 -19.35 11.39
CA PRO D 284 -8.56 -18.40 10.30
C PRO D 284 -9.20 -17.13 10.83
N ASP D 285 -8.92 -16.02 10.14
CA ASP D 285 -9.59 -14.75 10.43
C ASP D 285 -10.92 -14.76 9.65
N TYR D 286 -11.91 -15.43 10.25
CA TYR D 286 -13.22 -15.52 9.61
C TYR D 286 -13.81 -14.14 9.34
N SER D 287 -13.70 -13.22 10.31
N SER D 287 -13.69 -13.22 10.31
CA SER D 287 -14.29 -11.89 10.14
CA SER D 287 -14.29 -11.89 10.14
C SER D 287 -13.68 -11.18 8.96
C SER D 287 -13.67 -11.15 8.98
N TYR D 288 -12.35 -11.29 8.79
CA TYR D 288 -11.69 -10.71 7.64
C TYR D 288 -12.30 -11.23 6.35
N LEU D 289 -12.49 -12.55 6.26
CA LEU D 289 -13.00 -13.13 5.03
C LEU D 289 -14.42 -12.68 4.73
N ARG D 290 -15.28 -12.61 5.75
CA ARG D 290 -16.62 -12.09 5.54
C ARG D 290 -16.57 -10.62 5.15
N GLN D 291 -15.70 -9.84 5.80
CA GLN D 291 -15.62 -8.41 5.50
C GLN D 291 -15.15 -8.17 4.09
N LEU D 292 -14.29 -9.07 3.57
CA LEU D 292 -13.86 -9.02 2.17
C LEU D 292 -15.06 -8.99 1.23
N PHE D 293 -15.95 -9.98 1.35
CA PHE D 293 -17.13 -10.06 0.50
C PHE D 293 -18.16 -8.97 0.84
N ARG D 294 -18.25 -8.57 2.11
CA ARG D 294 -19.17 -7.49 2.50
C ARG D 294 -18.81 -6.18 1.81
N ASN D 295 -17.53 -5.84 1.78
CA ASN D 295 -17.15 -4.59 1.15
C ASN D 295 -17.48 -4.62 -0.35
N LEU D 296 -17.28 -5.77 -1.00
CA LEU D 296 -17.69 -5.93 -2.41
C LEU D 296 -19.20 -5.81 -2.55
N PHE D 297 -19.94 -6.49 -1.67
CA PHE D 297 -21.40 -6.41 -1.64
C PHE D 297 -21.85 -4.96 -1.63
N HIS D 298 -21.21 -4.13 -0.79
CA HIS D 298 -21.58 -2.73 -0.66
C HIS D 298 -21.14 -1.91 -1.87
N ARG D 299 -19.97 -2.22 -2.43
CA ARG D 299 -19.52 -1.51 -3.63
C ARG D 299 -20.52 -1.70 -4.75
N GLN D 300 -21.10 -2.90 -4.85
CA GLN D 300 -22.11 -3.21 -5.85
C GLN D 300 -23.47 -2.59 -5.54
N GLY D 301 -23.67 -2.03 -4.35
CA GLY D 301 -24.96 -1.51 -3.98
C GLY D 301 -25.98 -2.57 -3.62
N PHE D 302 -25.55 -3.80 -3.36
CA PHE D 302 -26.47 -4.85 -2.94
C PHE D 302 -26.93 -4.63 -1.50
N SER D 303 -28.13 -5.11 -1.19
CA SER D 303 -28.69 -5.06 0.16
C SER D 303 -28.88 -6.47 0.70
N TYR D 304 -28.60 -6.64 1.98
CA TYR D 304 -28.76 -7.95 2.64
C TYR D 304 -30.25 -8.15 2.94
N ASP D 305 -31.00 -8.47 1.88
CA ASP D 305 -32.44 -8.70 1.99
C ASP D 305 -32.81 -10.15 1.70
N TYR D 306 -31.81 -11.01 1.51
CA TYR D 306 -31.98 -12.46 1.36
C TYR D 306 -32.94 -12.82 0.22
N VAL D 307 -32.99 -11.99 -0.81
CA VAL D 307 -33.72 -12.30 -2.03
C VAL D 307 -32.72 -12.98 -2.96
N PHE D 308 -32.71 -14.31 -2.95
CA PHE D 308 -31.83 -15.07 -3.80
C PHE D 308 -32.43 -15.22 -5.20
N ASP D 309 -31.59 -15.64 -6.14
CA ASP D 309 -32.05 -15.84 -7.50
C ASP D 309 -33.28 -16.72 -7.54
N TRP D 310 -33.28 -17.83 -6.79
CA TRP D 310 -34.41 -18.75 -6.90
C TRP D 310 -35.68 -18.15 -6.32
N ASN D 311 -35.59 -17.15 -5.45
CA ASN D 311 -36.81 -16.52 -4.96
C ASN D 311 -37.54 -15.77 -6.06
N MET D 312 -36.88 -15.45 -7.15
CA MET D 312 -37.49 -14.66 -8.21
C MET D 312 -38.09 -15.49 -9.33
N LEU D 313 -38.00 -16.82 -9.27
CA LEU D 313 -38.60 -17.67 -10.28
C LEU D 313 -40.13 -17.53 -10.24
N LYS D 314 -40.74 -17.32 -11.40
CA LYS D 314 -42.17 -17.09 -11.50
C LYS D 314 -42.93 -18.38 -11.80
C10 UX2 E . -28.10 11.95 -17.12
C02 UX2 E . -30.42 12.21 -15.80
C04 UX2 E . -28.84 10.86 -16.85
C05 UX2 E . -28.43 9.57 -17.25
C06 UX2 E . -27.25 9.43 -17.93
C07 UX2 E . -26.49 10.55 -18.21
C09 UX2 E . -26.89 11.81 -17.82
C11 UX2 E . -28.56 13.23 -16.70
C13 UX2 E . -28.92 15.31 -16.22
C16 UX2 E . -28.84 16.82 -16.07
C17 UX2 E . -29.77 17.60 -15.40
C18 UX2 E . -29.31 18.90 -15.48
C19 UX2 E . -28.11 18.88 -16.19
N01 UX2 E . -31.65 12.33 -15.07
N03 UX2 E . -30.03 10.99 -16.19
N12 UX2 E . -28.05 14.49 -16.81
N14 UX2 E . -29.91 14.61 -15.76
N15 UX2 E . -29.67 13.30 -16.08
O20 UX2 E . -27.85 17.59 -16.53
CL8 UX2 E . -24.95 10.29 -19.04
C1 MLI F . -19.38 30.95 -7.67
C2 MLI F . -19.57 31.33 -6.20
C3 MLI F . -18.47 29.74 -7.78
O6 MLI F . -18.84 32.21 -5.68
O7 MLI F . -20.45 30.73 -5.51
O8 MLI F . -17.51 29.77 -8.60
O9 MLI F . -18.67 28.74 -7.03
C1 MLI G . 1.53 1.76 -12.33
C2 MLI G . 0.54 2.76 -11.72
C3 MLI G . 1.89 0.62 -11.37
O6 MLI G . 0.96 3.82 -11.18
O7 MLI G . -0.70 2.53 -11.74
O8 MLI G . 2.46 -0.41 -11.77
O9 MLI G . 1.57 0.74 -10.16
C10 UX2 H . 31.85 -8.54 -11.68
C02 UX2 H . 33.78 -9.13 -9.90
C04 UX2 H . 32.49 -7.55 -11.01
C05 UX2 H . 32.15 -6.19 -11.22
C06 UX2 H . 31.19 -5.89 -12.12
C07 UX2 H . 30.53 -6.91 -12.80
C09 UX2 H . 30.86 -8.24 -12.62
C11 UX2 H . 32.23 -9.90 -11.43
C13 UX2 H . 32.51 -12.05 -11.32
C16 UX2 H . 32.44 -13.55 -11.52
C17 UX2 H . 33.21 -14.48 -10.84
C18 UX2 H . 32.85 -15.72 -11.34
C19 UX2 H . 31.88 -15.51 -12.29
N01 UX2 H . 34.79 -9.46 -8.93
N03 UX2 H . 33.46 -7.85 -10.10
N12 UX2 H . 31.78 -11.09 -11.93
N14 UX2 H . 33.34 -11.49 -10.50
N15 UX2 H . 33.15 -10.13 -10.58
O20 UX2 H . 31.66 -14.19 -12.38
CL8 UX2 H . 29.27 -6.48 -13.95
P PO4 I . 20.95 -28.12 -8.10
O1 PO4 I . 22.21 -28.21 -7.27
O2 PO4 I . 21.31 -27.85 -9.54
O3 PO4 I . 20.08 -26.99 -7.60
O4 PO4 I . 20.20 -29.43 -7.99
C10 UX2 J . 28.24 30.43 20.53
C02 UX2 J . 30.61 29.90 19.32
C04 UX2 J . 29.08 29.51 21.06
C05 UX2 J . 28.77 28.81 22.24
C06 UX2 J . 27.57 29.07 22.88
C07 UX2 J . 26.68 30.01 22.36
C09 UX2 J . 27.00 30.69 21.18
C11 UX2 J . 28.63 31.10 19.34
C13 UX2 J . 28.83 32.33 17.54
C16 UX2 J . 28.58 33.32 16.42
C17 UX2 J . 29.43 33.54 15.36
C18 UX2 J . 28.84 34.51 14.58
C19 UX2 J . 27.66 34.87 15.18
N01 UX2 J . 31.86 29.59 18.69
N03 UX2 J . 30.28 29.25 20.43
N12 UX2 J . 28.03 32.07 18.56
N14 UX2 J . 29.91 31.58 17.64
N15 UX2 J . 29.76 30.81 18.78
O20 UX2 J . 27.53 34.13 16.29
CL8 UX2 J . 25.14 30.28 23.22
P PO4 K . 5.35 36.81 20.23
O1 PO4 K . 6.78 36.61 20.67
O2 PO4 K . 5.07 35.87 19.08
O3 PO4 K . 5.14 38.23 19.77
O4 PO4 K . 4.43 36.50 21.38
P PO4 L . 17.21 35.93 0.98
O1 PO4 L . 18.52 36.65 1.14
O2 PO4 L . 17.37 34.48 1.37
O3 PO4 L . 16.17 36.54 1.89
O4 PO4 L . 16.77 36.03 -0.45
C10 UX2 M . -31.66 -33.34 5.47
C02 UX2 M . -33.61 -32.39 3.84
C04 UX2 M . -32.63 -32.51 5.97
C05 UX2 M . -32.64 -32.14 7.32
C06 UX2 M . -31.65 -32.61 8.16
C07 UX2 M . -30.66 -33.46 7.68
C09 UX2 M . -30.65 -33.83 6.33
C11 UX2 M . -31.70 -33.69 4.09
C13 UX2 M . -31.40 -34.46 2.07
C16 UX2 M . -30.84 -35.19 0.88
C17 UX2 M . -31.30 -35.10 -0.42
C18 UX2 M . -30.51 -35.95 -1.18
C19 UX2 M . -29.59 -36.53 -0.33
N01 UX2 M . -34.64 -31.88 2.97
N03 UX2 M . -33.61 -32.04 5.13
N12 UX2 M . -30.90 -34.49 3.31
N14 UX2 M . -32.47 -33.70 2.06
N15 UX2 M . -32.64 -33.21 3.35
O20 UX2 M . -29.82 -36.06 0.91
CL8 UX2 M . -29.41 -34.03 8.82
C1 MLI N . -16.36 -35.13 -12.02
C2 MLI N . -16.31 -34.62 -10.59
C3 MLI N . -15.08 -34.78 -12.77
O6 MLI N . -16.04 -33.41 -10.36
O7 MLI N . -16.52 -35.41 -9.63
O8 MLI N . -13.97 -35.18 -12.31
O9 MLI N . -15.12 -34.10 -13.82
C1 MLI O . -10.14 -34.18 -17.39
C2 MLI O . -11.49 -34.87 -17.30
C3 MLI O . -9.90 -33.18 -16.26
O6 MLI O . -11.55 -36.12 -17.34
O7 MLI O . -12.54 -34.19 -17.21
O8 MLI O . -9.38 -33.56 -15.18
O9 MLI O . -10.20 -31.96 -16.40
P PO4 P . -9.24 -40.17 9.26
O1 PO4 P . -8.51 -38.99 9.87
O2 PO4 P . -8.50 -41.44 9.58
O3 PO4 P . -9.32 -39.99 7.76
O4 PO4 P . -10.64 -40.23 9.82
#